data_5N11
#
_entry.id   5N11
#
_cell.length_a   77.729
_cell.length_b   77.729
_cell.length_c   299.490
_cell.angle_alpha   90.00
_cell.angle_beta   90.00
_cell.angle_gamma   120.00
#
_symmetry.space_group_name_H-M   'P 32 2 1'
#
loop_
_entity.id
_entity.type
_entity.pdbx_description
1 polymer Hemagglutinin-esterase
2 branched 2-acetamido-2-deoxy-beta-D-glucopyranose-(1-4)-2-acetamido-2-deoxy-beta-D-glucopyranose
3 branched alpha-D-mannopyranose-(1-3)-alpha-D-mannopyranose-(1-6)-beta-D-mannopyranose-(1-4)-2-acetamido-2-deoxy-beta-D-glucopyranose-(1-4)-2-acetamido-2-deoxy-beta-D-glucopyranose
4 branched alpha-D-mannopyranose-(1-6)-alpha-D-mannopyranose-(1-6)-[alpha-D-mannopyranose-(1-3)]beta-D-mannopyranose-(1-4)-2-acetamido-2-deoxy-beta-D-glucopyranose-(1-4)-2-acetamido-2-deoxy-beta-D-glucopyranose
5 branched beta-D-mannopyranose-(1-4)-2-acetamido-2-deoxy-beta-D-glucopyranose-(1-4)-2-acetamido-2-deoxy-beta-D-glucopyranose
6 branched alpha-D-mannopyranose-(1-3)-beta-D-mannopyranose-(1-4)-2-acetamido-2-deoxy-beta-D-glucopyranose-(1-4)-2-acetamido-2-deoxy-beta-D-glucopyranose
7 non-polymer 2-acetamido-2-deoxy-beta-D-glucopyranose
8 non-polymer 'ACETIC ACID'
9 water water
#
_entity_poly.entity_id   1
_entity_poly.type   'polypeptide(L)'
_entity_poly.pdbx_seq_one_letter_code
;FYNPPTNVVSHVNGDWFLFGDSRSDCNHIGNINPHNYSYMDLNPALCDSGKISSKAGNSIFRSFHFTDFYNYTGEGQQII
FYEGVNFTPYHAFKCNRSGSNDIWMQNKGLFYTQVYKNMAVYRSLTFVNVSYVYNGSAQATAFCKSGSLVLNNPAYIAPQ
ANSGIITKVEADFYLSGCDEYIVPLCIFNGKFLSNTKYYDHSQYYFNKDTGVIYGLNSTETITTGFDLNCHYLVLPSGNY
LAISNELLLTVPTKAICFNKRKDFTPVQVVDSRWNNARQSDNMTAVACQPPYCYFRNSTTNYVGVYDINHGDAGFTSILS
GLLYNSSCFSQQGVFRYDNISSVWPLYPYGRCPTAADINIPDLPICVYDSDPLVPR
;
_entity_poly.pdbx_strand_id   A,B
#
loop_
_chem_comp.id
_chem_comp.type
_chem_comp.name
_chem_comp.formula
ACY non-polymer 'ACETIC ACID' 'C2 H4 O2'
BMA D-saccharide, beta linking beta-D-mannopyranose 'C6 H12 O6'
MAN D-saccharide, alpha linking alpha-D-mannopyranose 'C6 H12 O6'
NAG D-saccharide, beta linking 2-acetamido-2-deoxy-beta-D-glucopyranose 'C8 H15 N O6'
#
# COMPACT_ATOMS: atom_id res chain seq x y z
N TYR A 2 14.93 -34.50 -2.06
CA TYR A 2 14.51 -34.12 -0.67
C TYR A 2 15.09 -32.76 -0.31
N ASN A 3 14.37 -31.71 -0.69
CA ASN A 3 14.72 -30.33 -0.35
C ASN A 3 13.47 -29.66 0.20
N PRO A 4 13.14 -29.93 1.48
CA PRO A 4 11.89 -29.49 2.05
C PRO A 4 11.91 -28.03 2.49
N PRO A 5 10.72 -27.42 2.63
CA PRO A 5 10.64 -26.09 3.19
C PRO A 5 10.87 -26.15 4.68
N THR A 6 11.90 -25.45 5.15
CA THR A 6 12.32 -25.54 6.53
C THR A 6 11.84 -24.34 7.33
N ASN A 7 11.53 -24.56 8.61
CA ASN A 7 11.03 -23.52 9.48
C ASN A 7 12.16 -22.73 10.13
N VAL A 8 12.81 -21.87 9.34
CA VAL A 8 13.89 -21.03 9.81
C VAL A 8 13.83 -19.67 9.14
N VAL A 9 14.45 -18.68 9.77
CA VAL A 9 14.77 -17.43 9.07
C VAL A 9 16.22 -17.56 8.63
N SER A 10 16.52 -16.98 7.48
CA SER A 10 17.84 -17.12 6.87
C SER A 10 18.05 -15.97 5.90
N HIS A 11 18.96 -16.17 4.93
CA HIS A 11 19.27 -15.12 3.97
C HIS A 11 19.91 -15.73 2.72
N VAL A 12 19.66 -15.10 1.58
CA VAL A 12 20.26 -15.53 0.32
C VAL A 12 21.76 -15.30 0.34
N ASN A 13 22.16 -14.17 0.90
CA ASN A 13 23.56 -13.78 0.94
C ASN A 13 23.89 -13.08 2.26
N GLY A 14 25.05 -12.43 2.33
CA GLY A 14 25.46 -11.71 3.54
C GLY A 14 24.70 -10.44 3.83
N ASP A 15 23.91 -9.96 2.87
CA ASP A 15 23.25 -8.66 2.98
C ASP A 15 21.91 -8.79 3.71
N TRP A 16 21.98 -8.98 5.03
CA TRP A 16 20.78 -9.09 5.86
C TRP A 16 20.93 -8.36 7.19
N PHE A 17 19.81 -8.06 7.84
CA PHE A 17 19.81 -7.42 9.15
C PHE A 17 18.67 -7.91 10.06
N LEU A 18 19.01 -8.16 11.33
CA LEU A 18 18.04 -8.60 12.34
C LEU A 18 17.72 -7.50 13.36
N PHE A 19 16.42 -7.32 13.64
CA PHE A 19 15.97 -6.44 14.72
C PHE A 19 15.32 -7.31 15.80
N GLY A 20 15.76 -7.16 17.04
CA GLY A 20 15.29 -8.05 18.10
C GLY A 20 15.31 -7.49 19.51
N ASP A 21 15.28 -8.40 20.48
CA ASP A 21 15.21 -8.05 21.90
C ASP A 21 16.28 -8.85 22.65
N SER A 22 16.08 -9.12 23.96
CA SER A 22 17.11 -9.81 24.75
C SER A 22 17.44 -11.19 24.19
N ARG A 23 16.47 -11.83 23.55
CA ARG A 23 16.68 -13.14 22.95
C ARG A 23 17.66 -13.15 21.77
N SER A 24 18.08 -11.97 21.31
CA SER A 24 19.18 -11.86 20.36
C SER A 24 20.08 -10.65 20.65
N ASP A 25 20.14 -10.26 21.92
CA ASP A 25 20.98 -9.14 22.36
C ASP A 25 22.22 -9.67 23.04
N CYS A 26 23.34 -9.61 22.32
CA CYS A 26 24.60 -10.12 22.82
C CYS A 26 25.15 -9.29 23.99
N ASN A 27 24.75 -8.02 24.07
CA ASN A 27 25.22 -7.15 25.12
C ASN A 27 24.54 -7.34 26.47
N HIS A 28 23.42 -8.06 26.52
CA HIS A 28 22.68 -8.24 27.78
C HIS A 28 23.48 -9.10 28.79
N ILE A 29 24.31 -10.00 28.30
CA ILE A 29 25.09 -10.93 29.14
C ILE A 29 25.84 -10.24 30.30
N GLY A 30 26.29 -9.02 30.07
CA GLY A 30 26.96 -8.23 31.10
C GLY A 30 26.08 -7.86 32.28
N ASN A 31 24.78 -7.75 32.06
CA ASN A 31 23.84 -7.32 33.10
C ASN A 31 23.22 -8.43 33.96
N ILE A 32 23.54 -9.69 33.66
CA ILE A 32 22.88 -10.80 34.32
C ILE A 32 23.87 -11.70 35.00
N ASN A 33 23.39 -12.38 36.03
CA ASN A 33 24.19 -13.33 36.78
C ASN A 33 23.42 -14.63 36.96
N PRO A 34 23.98 -15.75 36.48
CA PRO A 34 25.31 -15.90 35.86
C PRO A 34 25.42 -15.32 34.45
N HIS A 35 26.64 -15.02 34.03
CA HIS A 35 26.93 -14.50 32.70
C HIS A 35 27.14 -15.62 31.69
N ASN A 36 26.09 -16.00 30.98
CA ASN A 36 26.23 -16.80 29.78
C ASN A 36 25.08 -16.56 28.80
N TYR A 37 25.21 -17.14 27.61
CA TYR A 37 24.37 -16.78 26.47
C TYR A 37 23.08 -17.61 26.32
N SER A 38 22.78 -18.47 27.27
CA SER A 38 21.61 -19.36 27.16
C SER A 38 20.26 -18.63 27.18
N TYR A 39 20.23 -17.36 27.59
CA TYR A 39 19.04 -16.51 27.46
C TYR A 39 18.69 -16.19 26.02
N MET A 40 19.66 -16.32 25.12
CA MET A 40 19.43 -16.01 23.69
C MET A 40 18.86 -17.19 22.90
N ASP A 41 18.06 -16.88 21.90
CA ASP A 41 17.66 -17.85 20.89
C ASP A 41 18.62 -17.76 19.72
N LEU A 42 19.17 -16.56 19.51
CA LEU A 42 20.26 -16.34 18.58
C LEU A 42 21.51 -17.14 18.98
N ASN A 43 22.16 -17.76 17.99
CA ASN A 43 23.44 -18.43 18.22
C ASN A 43 24.56 -17.41 18.48
N PRO A 44 25.31 -17.57 19.58
CA PRO A 44 26.37 -16.63 19.94
C PRO A 44 27.45 -16.34 18.88
N ALA A 45 27.62 -17.23 17.91
CA ALA A 45 28.61 -17.04 16.84
C ALA A 45 28.32 -15.82 15.96
N LEU A 46 27.06 -15.38 15.98
CA LEU A 46 26.62 -14.20 15.24
C LEU A 46 26.75 -12.89 16.01
N CYS A 47 27.27 -12.95 17.24
CA CYS A 47 27.41 -11.72 18.04
C CYS A 47 28.27 -10.67 17.36
N ASP A 48 29.38 -11.10 16.75
CA ASP A 48 30.32 -10.18 16.12
C ASP A 48 29.94 -9.81 14.67
N SER A 49 28.74 -10.20 14.23
CA SER A 49 28.38 -10.11 12.81
C SER A 49 28.14 -8.70 12.31
N GLY A 50 27.88 -7.76 13.21
CA GLY A 50 27.53 -6.39 12.85
C GLY A 50 26.22 -6.28 12.08
N LYS A 51 25.34 -7.27 12.23
CA LYS A 51 24.09 -7.32 11.49
C LYS A 51 22.87 -7.48 12.41
N ILE A 52 23.05 -7.10 13.67
CA ILE A 52 22.00 -7.21 14.69
C ILE A 52 21.84 -5.90 15.49
N SER A 53 20.61 -5.43 15.60
CA SER A 53 20.27 -4.29 16.44
C SER A 53 19.18 -4.77 17.38
N SER A 54 19.58 -5.07 18.62
CA SER A 54 18.68 -5.72 19.58
C SER A 54 18.88 -5.16 20.98
N LYS A 55 17.80 -5.17 21.77
CA LYS A 55 17.86 -4.60 23.12
C LYS A 55 16.93 -5.31 24.10
N ALA A 56 17.51 -5.75 25.21
CA ALA A 56 16.78 -6.48 26.23
C ALA A 56 15.64 -5.64 26.82
N GLY A 57 14.47 -6.25 26.96
CA GLY A 57 13.28 -5.59 27.47
C GLY A 57 12.59 -4.64 26.50
N ASN A 58 13.08 -4.53 25.27
CA ASN A 58 12.54 -3.54 24.32
C ASN A 58 11.93 -4.15 23.06
N SER A 59 11.27 -3.30 22.29
CA SER A 59 10.72 -3.67 20.98
C SER A 59 10.70 -2.41 20.14
N ILE A 60 10.49 -2.53 18.84
CA ILE A 60 10.43 -1.33 17.97
C ILE A 60 9.22 -0.46 18.32
N PHE A 61 8.10 -1.10 18.61
CA PHE A 61 6.86 -0.40 18.99
C PHE A 61 7.04 0.33 20.33
N ARG A 62 7.60 -0.36 21.31
CA ARG A 62 7.85 0.20 22.62
C ARG A 62 8.78 1.42 22.55
N SER A 63 9.81 1.34 21.72
CA SER A 63 10.75 2.45 21.55
C SER A 63 10.07 3.62 20.87
N PHE A 64 9.19 3.31 19.93
CA PHE A 64 8.44 4.32 19.19
C PHE A 64 7.58 5.18 20.12
N HIS A 65 6.85 4.55 21.04
CA HIS A 65 5.86 5.27 21.85
C HIS A 65 6.31 5.78 23.22
N PHE A 66 7.30 5.14 23.84
CA PHE A 66 7.59 5.38 25.26
C PHE A 66 9.00 5.88 25.54
N THR A 67 9.19 6.44 26.74
CA THR A 67 10.51 6.95 27.16
C THR A 67 11.57 5.85 27.26
N ASP A 68 11.13 4.60 27.52
CA ASP A 68 12.04 3.46 27.49
C ASP A 68 12.53 3.18 26.07
N PHE A 69 13.46 4.02 25.64
CA PHE A 69 13.81 4.13 24.23
C PHE A 69 15.11 3.41 23.88
N TYR A 70 15.06 2.58 22.83
CA TYR A 70 16.27 2.07 22.17
C TYR A 70 16.25 2.49 20.70
N ASN A 71 17.35 3.11 20.26
CA ASN A 71 17.49 3.56 18.87
C ASN A 71 17.83 2.40 17.93
N TYR A 72 16.83 1.59 17.61
CA TYR A 72 16.99 0.51 16.64
C TYR A 72 17.48 1.07 15.31
N THR A 73 18.55 0.47 14.78
CA THR A 73 19.22 0.97 13.59
C THR A 73 19.85 -0.19 12.82
N GLY A 74 19.55 -0.28 11.52
CA GLY A 74 20.04 -1.39 10.72
C GLY A 74 19.76 -1.24 9.24
N GLU A 75 20.60 -1.88 8.44
CA GLU A 75 20.50 -1.81 6.98
C GLU A 75 20.72 -3.17 6.33
N GLY A 76 19.86 -3.51 5.38
CA GLY A 76 20.00 -4.76 4.65
C GLY A 76 18.96 -4.95 3.57
N GLN A 77 19.26 -5.87 2.65
CA GLN A 77 18.32 -6.21 1.59
C GLN A 77 17.20 -7.04 2.22
N GLN A 78 17.59 -8.10 2.92
CA GLN A 78 16.65 -8.95 3.64
C GLN A 78 16.63 -8.60 5.12
N ILE A 79 15.50 -8.05 5.57
CA ILE A 79 15.33 -7.66 6.96
C ILE A 79 14.64 -8.80 7.69
N ILE A 80 15.12 -9.07 8.91
CA ILE A 80 14.51 -10.06 9.79
C ILE A 80 14.12 -9.40 11.11
N PHE A 81 12.94 -9.76 11.62
CA PHE A 81 12.44 -9.24 12.88
C PHE A 81 12.22 -10.36 13.87
N TYR A 82 12.74 -10.22 15.10
CA TYR A 82 12.36 -11.11 16.20
C TYR A 82 12.18 -10.31 17.48
N GLU A 83 11.10 -9.52 17.49
CA GLU A 83 10.72 -8.71 18.64
C GLU A 83 9.23 -8.40 18.59
N GLY A 84 8.73 -7.82 19.68
CA GLY A 84 7.33 -7.47 19.81
C GLY A 84 6.79 -7.85 21.16
N VAL A 85 7.34 -8.91 21.76
CA VAL A 85 6.84 -9.44 23.03
C VAL A 85 6.90 -8.39 24.15
N ASN A 86 7.86 -7.45 24.05
CA ASN A 86 8.03 -6.46 25.11
C ASN A 86 6.99 -5.34 25.12
N PHE A 87 5.97 -5.46 24.26
CA PHE A 87 4.70 -4.80 24.49
C PHE A 87 3.56 -5.77 24.13
N THR A 88 2.94 -6.33 25.16
CA THR A 88 2.00 -7.44 25.05
C THR A 88 0.86 -7.23 26.06
N PRO A 89 -0.19 -8.08 26.00
CA PRO A 89 -1.25 -7.96 27.01
C PRO A 89 -0.76 -8.20 28.44
N TYR A 90 0.27 -9.02 28.59
CA TYR A 90 0.99 -9.19 29.86
C TYR A 90 1.25 -7.85 30.56
N HIS A 91 1.82 -6.90 29.83
CA HIS A 91 2.14 -5.58 30.40
C HIS A 91 0.90 -4.79 30.81
N ALA A 92 -0.25 -5.13 30.25
CA ALA A 92 -1.54 -4.54 30.61
C ALA A 92 -1.54 -3.02 30.51
N PHE A 93 -0.90 -2.49 29.48
CA PHE A 93 -0.81 -1.05 29.31
C PHE A 93 -2.14 -0.43 28.92
N LYS A 94 -2.43 0.70 29.56
CA LYS A 94 -3.55 1.57 29.21
C LYS A 94 -3.14 2.95 29.73
N CYS A 95 -3.79 4.02 29.29
CA CYS A 95 -3.39 5.36 29.74
C CYS A 95 -3.84 5.63 31.19
N ASN A 96 -5.13 5.41 31.45
CA ASN A 96 -5.69 5.61 32.79
C ASN A 96 -6.16 4.29 33.36
N ARG A 97 -6.86 4.33 34.50
CA ARG A 97 -7.59 3.16 35.00
C ARG A 97 -8.73 2.80 34.04
N SER A 98 -9.36 3.82 33.46
CA SER A 98 -10.51 3.63 32.58
C SER A 98 -10.15 3.25 31.14
N GLY A 99 -8.85 3.13 30.86
CA GLY A 99 -8.37 2.83 29.50
C GLY A 99 -8.65 1.42 29.03
N SER A 100 -8.03 1.05 27.91
CA SER A 100 -8.24 -0.25 27.29
C SER A 100 -6.95 -0.75 26.67
N ASN A 101 -6.54 -1.97 27.03
CA ASN A 101 -5.36 -2.59 26.44
C ASN A 101 -5.62 -3.06 25.00
N ASP A 102 -6.88 -3.30 24.65
CA ASP A 102 -7.26 -3.75 23.31
C ASP A 102 -6.98 -2.66 22.28
N ILE A 103 -7.31 -1.42 22.64
CA ILE A 103 -6.98 -0.27 21.81
C ILE A 103 -5.48 -0.31 21.51
N TRP A 104 -4.68 -0.58 22.53
CA TRP A 104 -3.23 -0.61 22.37
C TRP A 104 -2.71 -1.82 21.58
N MET A 105 -3.42 -2.94 21.67
CA MET A 105 -3.13 -4.10 20.82
C MET A 105 -3.46 -3.79 19.36
N GLN A 106 -4.53 -3.05 19.14
CA GLN A 106 -4.89 -2.61 17.80
C GLN A 106 -3.79 -1.71 17.24
N ASN A 107 -3.29 -0.81 18.09
CA ASN A 107 -2.20 0.08 17.69
C ASN A 107 -0.94 -0.69 17.32
N LYS A 108 -0.57 -1.66 18.16
CA LYS A 108 0.60 -2.50 17.90
C LYS A 108 0.50 -3.11 16.49
N GLY A 109 -0.65 -3.71 16.19
CA GLY A 109 -0.89 -4.33 14.89
C GLY A 109 -0.82 -3.36 13.72
N LEU A 110 -1.38 -2.18 13.89
CA LEU A 110 -1.33 -1.16 12.84
C LEU A 110 0.09 -0.64 12.62
N PHE A 111 0.86 -0.51 13.70
CA PHE A 111 2.23 -0.01 13.61
C PHE A 111 3.15 -0.96 12.85
N TYR A 112 3.14 -2.22 13.26
CA TYR A 112 4.02 -3.23 12.68
C TYR A 112 3.69 -3.52 11.21
N THR A 113 2.42 -3.38 10.83
CA THR A 113 2.01 -3.49 9.44
C THR A 113 2.78 -2.50 8.56
N GLN A 114 2.89 -1.26 9.02
CA GLN A 114 3.60 -0.23 8.29
C GLN A 114 5.11 -0.45 8.30
N VAL A 115 5.63 -0.98 9.40
CA VAL A 115 7.04 -1.30 9.49
C VAL A 115 7.40 -2.37 8.45
N TYR A 116 6.63 -3.46 8.42
CA TYR A 116 6.93 -4.59 7.55
C TYR A 116 6.79 -4.23 6.06
N LYS A 117 5.66 -3.63 5.70
CA LYS A 117 5.43 -3.21 4.31
C LYS A 117 6.59 -2.37 3.79
N ASN A 118 7.04 -1.42 4.60
CA ASN A 118 8.05 -0.48 4.16
C ASN A 118 9.46 -1.04 4.21
N MET A 119 9.72 -1.98 5.11
CA MET A 119 11.05 -2.60 5.15
C MET A 119 11.26 -3.63 4.02
N ALA A 120 10.20 -3.95 3.28
CA ALA A 120 10.32 -4.72 2.06
C ALA A 120 10.76 -3.86 0.86
N VAL A 121 10.69 -2.53 1.02
CA VAL A 121 11.09 -1.60 -0.04
C VAL A 121 12.22 -0.62 0.34
N TYR A 122 12.66 -0.61 1.60
CA TYR A 122 13.83 0.20 2.01
C TYR A 122 14.88 -0.68 2.68
N ARG A 123 16.15 -0.35 2.46
CA ARG A 123 17.23 -1.08 3.11
C ARG A 123 17.35 -0.72 4.58
N SER A 124 17.17 0.56 4.88
CA SER A 124 17.61 1.14 6.14
C SER A 124 16.46 1.56 7.04
N LEU A 125 16.59 1.22 8.33
CA LEU A 125 15.66 1.69 9.36
C LEU A 125 16.45 2.29 10.52
N THR A 126 16.02 3.46 10.97
CA THR A 126 16.50 4.02 12.23
C THR A 126 15.40 4.90 12.80
N PHE A 127 15.65 5.49 13.97
CA PHE A 127 14.75 6.46 14.57
C PHE A 127 15.31 7.86 14.35
N VAL A 128 14.42 8.85 14.32
CA VAL A 128 14.80 10.25 14.45
C VAL A 128 13.89 10.92 15.46
N ASN A 129 14.45 11.89 16.18
CA ASN A 129 13.65 12.78 17.02
C ASN A 129 13.05 13.86 16.15
N VAL A 130 11.74 14.00 16.21
CA VAL A 130 11.04 15.01 15.43
C VAL A 130 11.12 16.37 16.12
N SER A 131 11.70 17.35 15.44
CA SER A 131 11.69 18.71 15.97
C SER A 131 10.27 19.26 15.88
N TYR A 132 9.73 19.68 17.02
CA TYR A 132 8.42 20.35 17.07
C TYR A 132 8.51 21.66 17.82
N VAL A 133 7.69 22.62 17.43
CA VAL A 133 7.68 23.94 18.05
C VAL A 133 6.24 24.29 18.40
N TYR A 134 6.02 24.77 19.62
CA TYR A 134 4.72 25.27 20.05
C TYR A 134 4.92 26.56 20.87
N ASN A 135 4.13 27.59 20.55
CA ASN A 135 4.20 28.87 21.29
C ASN A 135 3.28 28.87 22.51
N GLY A 136 2.37 27.89 22.57
CA GLY A 136 1.51 27.71 23.73
C GLY A 136 2.24 26.88 24.78
N SER A 137 3.22 27.50 25.44
CA SER A 137 4.07 26.78 26.40
C SER A 137 3.31 26.41 27.67
N ALA A 138 2.67 25.23 27.60
CA ALA A 138 2.00 24.61 28.74
C ALA A 138 2.68 23.31 29.14
N GLN A 139 3.83 23.02 28.52
CA GLN A 139 4.57 21.76 28.72
C GLN A 139 3.77 20.56 28.23
N ALA A 140 4.39 19.38 28.36
CA ALA A 140 3.68 18.11 28.23
C ALA A 140 3.40 17.60 29.63
N THR A 141 2.30 16.88 29.78
CA THR A 141 1.82 16.43 31.09
C THR A 141 2.31 15.03 31.47
N ALA A 142 2.56 14.20 30.45
CA ALA A 142 2.66 12.76 30.63
C ALA A 142 1.27 12.24 31.02
N PHE A 143 0.33 12.37 30.09
CA PHE A 143 -1.08 12.09 30.36
C PHE A 143 -1.45 10.63 30.10
N CYS A 144 -0.45 9.75 30.10
CA CYS A 144 -0.68 8.35 29.75
C CYS A 144 0.47 7.48 30.28
N LYS A 145 0.24 6.85 31.44
CA LYS A 145 1.26 6.09 32.16
C LYS A 145 0.72 4.76 32.70
N SER A 146 1.57 3.75 32.68
CA SER A 146 1.26 2.47 33.33
C SER A 146 2.56 1.83 33.80
N GLY A 147 2.80 1.87 35.11
CA GLY A 147 4.03 1.35 35.69
C GLY A 147 5.22 2.16 35.21
N SER A 148 6.22 1.46 34.68
CA SER A 148 7.43 2.10 34.15
C SER A 148 7.28 2.53 32.69
N LEU A 149 6.12 2.26 32.09
CA LEU A 149 5.86 2.67 30.70
C LEU A 149 5.20 4.04 30.69
N VAL A 150 5.92 5.02 30.16
CA VAL A 150 5.46 6.41 30.10
C VAL A 150 5.43 6.82 28.63
N LEU A 151 4.29 7.34 28.17
CA LEU A 151 4.12 7.70 26.77
C LEU A 151 4.78 9.06 26.49
N ASN A 152 5.61 9.12 25.45
CA ASN A 152 6.24 10.39 25.05
C ASN A 152 6.14 10.69 23.55
N ASN A 153 5.44 9.85 22.81
CA ASN A 153 5.17 10.07 21.41
C ASN A 153 3.81 9.46 21.08
N PRO A 154 2.80 10.29 20.75
CA PRO A 154 2.89 11.74 20.55
C PRO A 154 2.91 12.50 21.87
N ALA A 155 3.44 13.72 21.84
CA ALA A 155 3.47 14.58 23.01
C ALA A 155 2.13 15.30 23.16
N TYR A 156 1.70 15.51 24.40
CA TYR A 156 0.49 16.31 24.68
C TYR A 156 0.87 17.76 24.92
N ILE A 157 0.10 18.68 24.37
CA ILE A 157 0.28 20.10 24.62
C ILE A 157 -1.05 20.75 24.97
N ALA A 158 -1.12 21.32 26.16
CA ALA A 158 -2.29 22.08 26.61
C ALA A 158 -2.08 23.55 26.24
N PRO A 159 -3.14 24.38 26.36
CA PRO A 159 -3.00 25.79 26.03
C PRO A 159 -2.50 26.64 27.20
N GLN A 160 -1.41 27.38 26.99
CA GLN A 160 -0.94 28.41 27.93
C GLN A 160 -0.21 29.54 27.17
N ALA A 161 -0.88 30.69 27.06
CA ALA A 161 -0.35 31.86 26.34
C ALA A 161 -0.08 31.55 24.86
N THR A 167 -8.49 29.74 21.93
CA THR A 167 -9.63 28.90 21.57
C THR A 167 -9.35 28.03 20.32
N LYS A 168 -8.13 27.49 20.24
CA LYS A 168 -7.63 26.69 19.10
C LYS A 168 -6.09 26.61 19.20
N VAL A 169 -5.53 25.40 19.17
CA VAL A 169 -4.08 25.22 19.41
C VAL A 169 -3.35 24.50 18.27
N GLU A 170 -2.16 25.00 17.92
CA GLU A 170 -1.37 24.40 16.85
C GLU A 170 0.12 24.31 17.20
N ALA A 171 0.83 23.48 16.45
CA ALA A 171 2.28 23.28 16.63
C ALA A 171 2.93 22.90 15.32
N ASP A 172 4.15 23.38 15.09
CA ASP A 172 4.91 23.06 13.88
C ASP A 172 5.79 21.84 14.12
N PHE A 173 5.90 20.96 13.14
CA PHE A 173 6.93 19.92 13.16
C PHE A 173 7.55 19.68 11.78
N TYR A 174 8.68 18.98 11.76
CA TYR A 174 9.53 18.93 10.58
C TYR A 174 10.07 17.52 10.41
N LEU A 175 9.78 16.91 9.26
CA LEU A 175 10.33 15.62 8.90
C LEU A 175 11.45 15.83 7.89
N SER A 176 12.64 15.35 8.23
CA SER A 176 13.84 15.66 7.47
C SER A 176 14.89 14.54 7.60
N GLY A 177 15.69 14.36 6.54
CA GLY A 177 16.78 13.39 6.51
C GLY A 177 16.45 11.99 6.01
N CYS A 178 15.16 11.69 5.83
CA CYS A 178 14.73 10.36 5.40
C CYS A 178 13.84 10.45 4.18
N ASP A 179 13.75 9.35 3.42
CA ASP A 179 12.85 9.28 2.27
C ASP A 179 11.40 9.25 2.72
N GLU A 180 11.14 8.48 3.77
CA GLU A 180 9.80 8.37 4.32
C GLU A 180 9.85 8.08 5.82
N TYR A 181 8.77 8.44 6.51
CA TYR A 181 8.72 8.42 7.96
C TYR A 181 7.39 7.85 8.42
N ILE A 182 7.40 7.10 9.51
CA ILE A 182 6.16 6.76 10.21
C ILE A 182 6.00 7.70 11.38
N VAL A 183 4.84 8.35 11.46
CA VAL A 183 4.48 9.15 12.63
C VAL A 183 3.12 8.70 13.14
N PRO A 184 2.91 8.81 14.46
CA PRO A 184 1.62 8.48 15.04
C PRO A 184 0.66 9.66 14.92
N LEU A 185 -0.57 9.39 14.51
CA LEU A 185 -1.65 10.37 14.56
C LEU A 185 -2.74 9.77 15.42
N CYS A 186 -3.01 10.36 16.58
CA CYS A 186 -3.84 9.71 17.60
C CYS A 186 -4.92 10.61 18.19
N ILE A 187 -5.92 9.96 18.79
CA ILE A 187 -7.00 10.63 19.50
C ILE A 187 -7.60 9.66 20.52
N PHE A 188 -8.23 10.22 21.56
CA PHE A 188 -9.01 9.44 22.51
C PHE A 188 -10.42 9.29 21.96
N ASN A 189 -10.88 8.04 21.82
CA ASN A 189 -12.19 7.78 21.20
C ASN A 189 -13.39 8.14 22.09
N ASP A 200 -14.73 15.52 22.59
CA ASP A 200 -15.09 15.93 21.24
C ASP A 200 -14.07 16.89 20.67
N HIS A 201 -12.90 16.36 20.30
CA HIS A 201 -11.85 17.18 19.68
C HIS A 201 -11.28 16.48 18.44
N SER A 202 -10.92 17.27 17.44
CA SER A 202 -10.30 16.77 16.21
C SER A 202 -8.81 17.07 16.18
N GLN A 203 -8.09 16.30 15.37
CA GLN A 203 -6.63 16.35 15.32
C GLN A 203 -6.17 16.22 13.87
N TYR A 204 -5.55 17.26 13.34
CA TYR A 204 -5.08 17.27 11.95
C TYR A 204 -3.55 17.38 11.88
N TYR A 205 -2.94 16.65 10.95
CA TYR A 205 -1.56 16.95 10.56
C TYR A 205 -1.62 17.50 9.14
N PHE A 206 -0.91 18.60 8.89
CA PHE A 206 -0.97 19.31 7.63
C PHE A 206 0.40 19.51 7.02
N ASN A 207 0.62 18.95 5.84
CA ASN A 207 1.85 19.16 5.09
C ASN A 207 1.74 20.47 4.32
N LYS A 208 2.54 21.47 4.71
CA LYS A 208 2.50 22.80 4.10
C LYS A 208 3.09 22.82 2.70
N ASP A 209 3.94 21.85 2.39
CA ASP A 209 4.59 21.80 1.08
C ASP A 209 3.64 21.20 0.05
N THR A 210 3.08 20.03 0.36
CA THR A 210 2.18 19.31 -0.56
C THR A 210 0.70 19.72 -0.45
N GLY A 211 0.30 20.25 0.70
CA GLY A 211 -1.10 20.63 0.93
C GLY A 211 -2.00 19.50 1.41
N VAL A 212 -1.43 18.31 1.62
CA VAL A 212 -2.21 17.17 2.10
C VAL A 212 -2.52 17.29 3.60
N ILE A 213 -3.75 16.89 3.96
CA ILE A 213 -4.25 17.01 5.33
C ILE A 213 -4.73 15.65 5.82
N TYR A 214 -4.18 15.21 6.95
CA TYR A 214 -4.58 13.97 7.60
C TYR A 214 -5.20 14.34 8.95
N GLY A 215 -6.37 13.77 9.25
CA GLY A 215 -7.08 14.14 10.46
C GLY A 215 -7.87 13.03 11.13
N LEU A 216 -8.24 13.28 12.38
CA LEU A 216 -9.02 12.33 13.17
C LEU A 216 -10.01 13.05 14.06
N ASN A 217 -11.30 12.80 13.84
CA ASN A 217 -12.37 13.29 14.70
C ASN A 217 -12.66 12.20 15.72
N SER A 218 -13.12 12.57 16.91
CA SER A 218 -13.41 11.59 17.94
C SER A 218 -14.82 11.03 17.75
N THR A 219 -14.96 9.71 17.91
CA THR A 219 -16.26 9.05 17.85
C THR A 219 -16.28 7.87 18.84
N GLU A 220 -17.46 7.58 19.39
CA GLU A 220 -17.59 6.52 20.40
C GLU A 220 -17.56 5.12 19.78
N THR A 221 -17.31 4.12 20.64
CA THR A 221 -17.33 2.71 20.25
C THR A 221 -17.98 1.90 21.37
N ILE A 222 -18.52 0.73 21.03
CA ILE A 222 -19.38 -0.04 21.96
C ILE A 222 -18.60 -0.98 22.90
N THR A 223 -17.58 -1.67 22.37
CA THR A 223 -16.81 -2.64 23.16
C THR A 223 -15.33 -2.24 23.33
N THR A 224 -15.11 -1.16 24.09
CA THR A 224 -13.77 -0.74 24.54
C THR A 224 -13.91 0.20 25.75
N GLY A 225 -12.79 0.75 26.24
CA GLY A 225 -12.80 1.61 27.43
C GLY A 225 -12.79 3.10 27.11
N PHE A 226 -11.59 3.68 27.10
CA PHE A 226 -11.38 5.11 26.76
C PHE A 226 -9.88 5.36 26.72
N ASP A 227 -9.29 5.19 25.55
CA ASP A 227 -7.84 5.18 25.41
C ASP A 227 -7.41 5.78 24.08
N LEU A 228 -6.10 5.86 23.87
CA LEU A 228 -5.52 6.52 22.71
C LEU A 228 -5.48 5.60 21.47
N ASN A 229 -6.32 5.90 20.48
CA ASN A 229 -6.29 5.21 19.19
C ASN A 229 -5.26 5.86 18.29
N CYS A 230 -4.32 5.09 17.76
CA CYS A 230 -3.31 5.63 16.85
C CYS A 230 -3.42 5.07 15.43
N HIS A 231 -3.15 5.95 14.47
CA HIS A 231 -2.94 5.57 13.07
C HIS A 231 -1.49 5.93 12.75
N TYR A 232 -0.88 5.17 11.87
CA TYR A 232 0.53 5.34 11.59
C TYR A 232 0.73 5.76 10.16
N LEU A 233 0.99 7.04 9.98
CA LEU A 233 1.06 7.64 8.66
C LEU A 233 2.46 7.43 8.12
N VAL A 234 2.55 6.99 6.88
CA VAL A 234 3.83 6.89 6.18
C VAL A 234 3.94 8.14 5.32
N LEU A 235 4.73 9.10 5.82
CA LEU A 235 4.77 10.46 5.28
C LEU A 235 6.10 10.77 4.61
N PRO A 236 6.11 11.73 3.68
CA PRO A 236 7.35 12.22 3.08
C PRO A 236 8.00 13.30 3.95
N SER A 237 9.19 13.75 3.54
CA SER A 237 9.85 14.89 4.16
C SER A 237 8.98 16.12 3.99
N GLY A 238 9.16 17.10 4.87
CA GLY A 238 8.46 18.37 4.74
C GLY A 238 8.24 19.16 6.03
N ASN A 239 7.65 20.35 5.86
CA ASN A 239 7.31 21.21 6.98
C ASN A 239 5.83 21.01 7.31
N TYR A 240 5.56 20.41 8.46
CA TYR A 240 4.20 20.05 8.84
C TYR A 240 3.62 20.98 9.89
N LEU A 241 2.31 20.83 10.10
CA LEU A 241 1.59 21.62 11.09
C LEU A 241 0.56 20.73 11.76
N ALA A 242 0.67 20.58 13.08
CA ALA A 242 -0.34 19.88 13.86
C ALA A 242 -1.37 20.90 14.35
N ILE A 243 -2.66 20.61 14.16
CA ILE A 243 -3.74 21.52 14.52
C ILE A 243 -4.81 20.79 15.32
N SER A 244 -5.47 21.51 16.22
CA SER A 244 -6.56 20.96 17.02
C SER A 244 -7.61 22.02 17.28
N ASN A 245 -8.87 21.61 17.33
CA ASN A 245 -9.97 22.55 17.54
C ASN A 245 -10.14 22.93 19.00
N GLU A 246 -10.14 21.92 19.87
CA GLU A 246 -10.34 22.14 21.31
C GLU A 246 -8.99 22.30 22.03
N LEU A 247 -8.91 21.84 23.27
CA LEU A 247 -7.86 22.26 24.19
C LEU A 247 -6.55 21.51 23.98
N LEU A 248 -6.61 20.18 23.93
CA LEU A 248 -5.41 19.35 23.80
C LEU A 248 -4.95 19.22 22.34
N LEU A 249 -3.64 19.16 22.17
CA LEU A 249 -3.00 18.95 20.87
C LEU A 249 -1.94 17.87 21.02
N THR A 250 -1.92 16.92 20.08
CA THR A 250 -0.90 15.88 20.05
C THR A 250 0.03 16.09 18.86
N VAL A 251 1.32 15.89 19.07
CA VAL A 251 2.33 16.12 18.05
C VAL A 251 3.41 15.05 18.14
N PRO A 252 3.95 14.60 16.98
CA PRO A 252 4.97 13.57 17.01
C PRO A 252 6.29 14.09 17.56
N THR A 253 6.94 13.24 18.36
CA THR A 253 8.27 13.51 18.88
C THR A 253 9.28 12.51 18.32
N LYS A 254 8.81 11.40 17.76
CA LYS A 254 9.67 10.36 17.21
C LYS A 254 9.10 9.83 15.91
N ALA A 255 10.00 9.39 15.04
CA ALA A 255 9.63 8.80 13.77
C ALA A 255 10.57 7.66 13.39
N ILE A 256 9.98 6.61 12.81
CA ILE A 256 10.76 5.60 12.09
C ILE A 256 11.24 6.25 10.82
N CYS A 257 12.51 6.06 10.51
CA CYS A 257 13.17 6.74 9.41
C CYS A 257 13.63 5.72 8.38
N PHE A 258 13.04 5.79 7.18
CA PHE A 258 13.33 4.85 6.11
C PHE A 258 14.27 5.47 5.10
N ASN A 259 15.27 4.72 4.67
CA ASN A 259 16.22 5.19 3.67
C ASN A 259 16.68 4.10 2.70
N LYS A 260 17.07 4.55 1.50
CA LYS A 260 17.65 3.70 0.48
C LYS A 260 16.63 2.71 -0.10
N ARG A 261 15.90 3.17 -1.10
CA ARG A 261 14.94 2.34 -1.81
C ARG A 261 15.61 1.11 -2.42
N LYS A 262 14.90 -0.02 -2.40
CA LYS A 262 15.42 -1.27 -2.94
C LYS A 262 14.34 -2.02 -3.71
N ASP A 263 14.77 -2.95 -4.56
CA ASP A 263 13.85 -3.87 -5.23
C ASP A 263 13.07 -4.64 -4.15
N PHE A 264 11.77 -4.81 -4.39
CA PHE A 264 10.85 -5.45 -3.43
C PHE A 264 11.41 -6.75 -2.86
N THR A 265 11.55 -6.80 -1.53
CA THR A 265 12.19 -7.94 -0.87
C THR A 265 11.43 -8.28 0.42
N PRO A 266 10.64 -9.36 0.41
CA PRO A 266 9.80 -9.63 1.58
C PRO A 266 10.61 -9.77 2.86
N VAL A 267 10.10 -9.22 3.96
CA VAL A 267 10.77 -9.32 5.26
C VAL A 267 10.42 -10.64 5.92
N GLN A 268 11.20 -10.99 6.94
CA GLN A 268 10.94 -12.19 7.73
C GLN A 268 10.67 -11.77 9.17
N VAL A 269 9.59 -12.29 9.73
CA VAL A 269 9.15 -11.93 11.08
C VAL A 269 8.93 -13.20 11.87
N VAL A 270 9.65 -13.32 12.99
CA VAL A 270 9.52 -14.44 13.91
C VAL A 270 8.56 -14.09 15.05
N ASP A 271 7.63 -14.99 15.34
CA ASP A 271 6.66 -14.79 16.41
C ASP A 271 7.37 -14.45 17.73
N SER A 272 7.11 -13.27 18.28
CA SER A 272 7.71 -12.86 19.56
C SER A 272 6.69 -12.95 20.68
N ARG A 273 6.73 -14.04 21.46
CA ARG A 273 5.76 -14.28 22.52
C ARG A 273 6.42 -14.79 23.81
N TRP A 274 5.66 -14.70 24.89
CA TRP A 274 6.09 -15.20 26.18
C TRP A 274 5.83 -16.69 26.27
N ASN A 275 6.31 -17.29 27.35
CA ASN A 275 5.86 -18.60 27.81
C ASN A 275 4.36 -18.51 28.04
N ASN A 276 3.65 -19.61 27.88
CA ASN A 276 2.18 -19.60 27.96
C ASN A 276 1.58 -19.11 29.28
N ALA A 277 2.37 -19.07 30.35
CA ALA A 277 1.91 -18.53 31.64
C ALA A 277 1.50 -17.06 31.49
N ARG A 278 2.30 -16.27 30.78
CA ARG A 278 1.98 -14.88 30.52
C ARG A 278 1.12 -14.75 29.27
N GLN A 279 0.44 -13.62 29.14
CA GLN A 279 -0.54 -13.41 28.08
C GLN A 279 0.10 -12.67 26.93
N SER A 280 0.17 -13.31 25.75
CA SER A 280 0.74 -12.72 24.54
C SER A 280 -0.35 -12.35 23.54
N ASP A 281 0.06 -11.83 22.37
CA ASP A 281 -0.88 -11.45 21.31
C ASP A 281 -0.38 -11.91 19.94
N ASN A 282 -1.23 -11.80 18.93
CA ASN A 282 -0.88 -12.23 17.57
C ASN A 282 -0.87 -11.08 16.58
N MET A 283 -0.56 -9.88 17.06
CA MET A 283 -0.65 -8.69 16.21
C MET A 283 0.48 -8.60 15.18
N THR A 284 1.68 -9.11 15.49
CA THR A 284 2.74 -9.17 14.48
C THR A 284 2.40 -10.21 13.40
N ALA A 285 1.68 -11.26 13.78
CA ALA A 285 1.21 -12.24 12.80
C ALA A 285 0.16 -11.62 11.88
N VAL A 286 -0.70 -10.77 12.44
CA VAL A 286 -1.72 -10.08 11.67
C VAL A 286 -1.07 -9.11 10.70
N ALA A 287 -0.04 -8.41 11.18
CA ALA A 287 0.71 -7.45 10.38
C ALA A 287 1.54 -8.11 9.28
N CYS A 288 2.01 -9.33 9.54
CA CYS A 288 2.85 -10.06 8.59
C CYS A 288 2.03 -10.84 7.58
N GLN A 289 1.93 -10.32 6.35
CA GLN A 289 1.15 -10.96 5.29
C GLN A 289 1.92 -11.03 3.95
N PRO A 290 1.49 -11.92 3.05
CA PRO A 290 2.04 -11.91 1.70
C PRO A 290 1.51 -10.72 0.91
N PRO A 291 2.29 -10.19 -0.04
CA PRO A 291 3.60 -10.65 -0.48
C PRO A 291 4.80 -10.09 0.29
N TYR A 292 4.58 -9.21 1.27
CA TYR A 292 5.69 -8.42 1.86
C TYR A 292 6.33 -9.06 3.09
N CYS A 293 5.81 -10.19 3.54
CA CYS A 293 6.25 -10.73 4.82
C CYS A 293 6.04 -12.25 4.92
N TYR A 294 7.00 -12.93 5.56
CA TYR A 294 6.89 -14.35 5.88
C TYR A 294 6.88 -14.50 7.39
N PHE A 295 5.91 -15.24 7.92
CA PHE A 295 5.79 -15.44 9.35
C PHE A 295 6.29 -16.83 9.78
N ARG A 296 7.24 -16.86 10.71
CA ARG A 296 7.74 -18.12 11.28
C ARG A 296 7.35 -18.24 12.74
N ASN A 297 7.00 -19.45 13.15
CA ASN A 297 6.55 -19.71 14.49
C ASN A 297 6.87 -21.15 14.86
N SER A 298 7.22 -21.41 16.11
CA SER A 298 7.46 -22.78 16.56
C SER A 298 6.12 -23.48 16.75
N THR A 299 6.14 -24.80 16.84
CA THR A 299 4.92 -25.58 17.12
C THR A 299 4.82 -25.93 18.60
N THR A 300 5.53 -25.17 19.44
CA THR A 300 5.59 -25.45 20.87
C THR A 300 5.53 -24.20 21.73
N ASN A 301 5.14 -24.43 23.00
CA ASN A 301 5.23 -23.44 24.05
C ASN A 301 6.66 -22.92 24.15
N TYR A 302 6.82 -21.63 24.44
CA TYR A 302 8.14 -21.08 24.72
C TYR A 302 8.56 -21.51 26.13
N VAL A 303 9.56 -22.38 26.20
CA VAL A 303 10.10 -22.85 27.48
C VAL A 303 11.61 -22.65 27.46
N GLY A 304 12.05 -21.56 28.09
CA GLY A 304 13.46 -21.15 28.06
C GLY A 304 14.28 -21.85 29.10
N VAL A 305 15.59 -21.99 28.87
CA VAL A 305 16.48 -22.61 29.85
C VAL A 305 17.01 -21.62 30.89
N TYR A 306 17.40 -20.41 30.46
CA TYR A 306 17.97 -19.43 31.40
C TYR A 306 16.93 -19.12 32.47
N ASP A 307 15.78 -18.64 32.02
CA ASP A 307 14.55 -18.67 32.80
C ASP A 307 13.44 -19.10 31.83
N ILE A 308 12.24 -19.33 32.36
CA ILE A 308 11.12 -19.85 31.58
C ILE A 308 10.86 -19.07 30.27
N ASN A 309 11.18 -17.77 30.25
CA ASN A 309 10.91 -16.90 29.11
C ASN A 309 12.10 -16.59 28.21
N HIS A 310 13.25 -17.23 28.43
CA HIS A 310 14.44 -16.94 27.63
C HIS A 310 15.33 -18.16 27.35
N GLY A 311 15.43 -18.54 26.07
CA GLY A 311 16.30 -19.60 25.60
C GLY A 311 15.56 -20.87 25.26
N ASP A 312 14.76 -20.82 24.19
CA ASP A 312 13.86 -21.92 23.82
C ASP A 312 14.37 -22.68 22.59
N ALA A 313 14.22 -24.01 22.62
CA ALA A 313 14.71 -24.86 21.54
C ALA A 313 14.01 -24.57 20.20
N GLY A 314 12.69 -24.41 20.25
CA GLY A 314 11.90 -24.13 19.05
C GLY A 314 12.33 -22.85 18.36
N PHE A 315 12.47 -21.77 19.10
CA PHE A 315 12.87 -20.49 18.52
C PHE A 315 14.36 -20.40 18.24
N THR A 316 15.17 -21.13 19.00
CA THR A 316 16.60 -21.23 18.68
C THR A 316 16.81 -21.92 17.34
N SER A 317 15.96 -22.92 17.06
CA SER A 317 16.01 -23.63 15.80
C SER A 317 15.62 -22.74 14.62
N ILE A 318 14.58 -21.94 14.79
CA ILE A 318 14.18 -20.99 13.76
C ILE A 318 15.31 -20.02 13.42
N LEU A 319 15.93 -19.43 14.45
CA LEU A 319 17.01 -18.46 14.22
C LEU A 319 18.31 -19.08 13.70
N SER A 320 18.45 -20.40 13.84
CA SER A 320 19.67 -21.09 13.40
C SER A 320 19.91 -20.98 11.89
N GLY A 321 18.87 -20.70 11.12
CA GLY A 321 19.03 -20.47 9.68
C GLY A 321 19.85 -19.25 9.30
N LEU A 322 20.11 -18.36 10.27
CA LEU A 322 20.97 -17.21 10.05
C LEU A 322 22.45 -17.58 9.92
N LEU A 323 22.79 -18.80 10.35
CA LEU A 323 24.17 -19.31 10.28
C LEU A 323 24.58 -19.81 8.89
N TYR A 324 23.66 -19.79 7.92
CA TYR A 324 23.99 -20.21 6.57
C TYR A 324 23.14 -19.48 5.53
N ASN A 325 23.58 -19.55 4.27
CA ASN A 325 22.84 -18.97 3.16
C ASN A 325 21.86 -20.00 2.58
N SER A 326 20.69 -19.51 2.17
CA SER A 326 19.63 -20.36 1.60
C SER A 326 19.09 -19.73 0.31
N SER A 327 18.68 -20.59 -0.63
CA SER A 327 18.29 -20.12 -1.96
C SER A 327 16.94 -19.40 -2.03
N CYS A 328 15.91 -19.99 -1.40
CA CYS A 328 14.52 -19.64 -1.69
C CYS A 328 13.68 -19.48 -0.42
N PHE A 329 12.96 -18.37 -0.35
CA PHE A 329 12.09 -18.04 0.79
C PHE A 329 10.64 -18.06 0.33
N SER A 330 9.80 -18.80 1.07
CA SER A 330 8.39 -18.97 0.71
C SER A 330 7.51 -18.96 1.95
N GLN A 331 6.20 -18.94 1.73
CA GLN A 331 5.24 -18.94 2.82
C GLN A 331 5.34 -20.21 3.67
N GLN A 332 5.57 -21.36 3.03
CA GLN A 332 5.69 -22.64 3.74
C GLN A 332 6.99 -22.75 4.53
N GLY A 333 8.03 -22.03 4.09
CA GLY A 333 9.35 -22.09 4.73
C GLY A 333 10.48 -21.77 3.78
N VAL A 334 11.70 -22.13 4.18
CA VAL A 334 12.90 -21.86 3.41
C VAL A 334 13.42 -23.13 2.72
N PHE A 335 13.65 -23.07 1.41
CA PHE A 335 14.30 -24.14 0.67
C PHE A 335 15.76 -23.77 0.48
N ARG A 336 16.67 -24.66 0.91
CA ARG A 336 18.10 -24.40 0.81
C ARG A 336 18.59 -24.41 -0.63
N TYR A 337 18.09 -25.34 -1.43
CA TYR A 337 18.59 -25.54 -2.79
C TYR A 337 17.60 -25.07 -3.84
N ASP A 338 18.13 -24.57 -4.96
CA ASP A 338 17.33 -23.89 -5.96
C ASP A 338 16.84 -24.79 -7.11
N ASN A 339 17.12 -26.10 -7.03
CA ASN A 339 16.79 -27.01 -8.13
C ASN A 339 15.41 -27.66 -8.02
N ILE A 340 15.24 -28.60 -7.10
CA ILE A 340 14.07 -29.47 -7.08
C ILE A 340 13.49 -29.63 -5.67
N SER A 341 12.19 -29.86 -5.59
CA SER A 341 11.50 -30.15 -4.31
C SER A 341 10.17 -30.81 -4.60
N SER A 342 9.49 -31.28 -3.55
CA SER A 342 8.20 -31.96 -3.72
C SER A 342 7.00 -31.09 -3.31
N VAL A 343 7.23 -29.79 -3.15
CA VAL A 343 6.17 -28.82 -2.81
C VAL A 343 6.41 -27.50 -3.57
N TRP A 344 5.35 -26.94 -4.14
CA TRP A 344 5.47 -25.68 -4.88
C TRP A 344 5.61 -24.51 -3.91
N PRO A 345 6.70 -23.73 -4.01
CA PRO A 345 6.85 -22.56 -3.12
C PRO A 345 5.83 -21.47 -3.42
N LEU A 346 5.22 -20.93 -2.37
CA LEU A 346 4.23 -19.86 -2.51
C LEU A 346 4.87 -18.51 -2.19
N TYR A 347 4.60 -17.51 -3.04
CA TYR A 347 5.14 -16.16 -2.88
C TYR A 347 6.64 -16.18 -2.62
N PRO A 348 7.41 -16.72 -3.57
CA PRO A 348 8.82 -16.94 -3.36
C PRO A 348 9.69 -15.69 -3.55
N TYR A 349 10.87 -15.74 -2.94
CA TYR A 349 11.93 -14.77 -3.17
C TYR A 349 13.26 -15.53 -3.23
N GLY A 350 14.06 -15.22 -4.24
CA GLY A 350 15.35 -15.90 -4.47
C GLY A 350 15.23 -16.91 -5.58
N ARG A 351 16.20 -17.80 -5.69
CA ARG A 351 16.18 -18.84 -6.72
C ARG A 351 15.46 -20.06 -6.16
N CYS A 352 14.33 -20.42 -6.76
CA CYS A 352 13.42 -21.39 -6.16
C CYS A 352 13.31 -22.68 -6.97
N PRO A 353 13.15 -23.81 -6.28
CA PRO A 353 13.03 -25.10 -6.95
C PRO A 353 11.66 -25.32 -7.59
N THR A 354 11.63 -26.19 -8.59
CA THR A 354 10.38 -26.67 -9.17
C THR A 354 9.94 -27.92 -8.42
N ALA A 355 8.65 -28.22 -8.48
CA ALA A 355 8.11 -29.45 -7.92
C ALA A 355 7.40 -30.29 -8.98
N ALA A 356 7.66 -29.96 -10.24
CA ALA A 356 7.16 -30.72 -11.36
C ALA A 356 7.92 -32.05 -11.46
N ASP A 357 7.34 -33.01 -12.18
CA ASP A 357 8.05 -34.23 -12.56
C ASP A 357 9.06 -33.89 -13.64
N ILE A 358 10.27 -34.44 -13.52
CA ILE A 358 11.32 -34.25 -14.53
C ILE A 358 11.88 -35.60 -14.96
N TYR B 2 12.61 -26.26 -24.76
CA TYR B 2 12.89 -24.81 -24.57
C TYR B 2 11.67 -24.09 -23.99
N ASN B 3 11.86 -23.36 -22.90
CA ASN B 3 10.76 -22.71 -22.20
C ASN B 3 11.14 -21.28 -21.79
N PRO B 4 11.17 -20.37 -22.76
CA PRO B 4 11.59 -19.00 -22.49
C PRO B 4 10.47 -18.16 -21.87
N PRO B 5 10.83 -17.05 -21.21
CA PRO B 5 9.82 -16.10 -20.79
C PRO B 5 9.24 -15.40 -22.01
N THR B 6 7.97 -15.67 -22.30
CA THR B 6 7.32 -15.17 -23.50
C THR B 6 6.55 -13.88 -23.23
N ASN B 7 6.46 -13.03 -24.24
CA ASN B 7 5.88 -11.70 -24.11
C ASN B 7 4.42 -11.73 -24.48
N VAL B 8 3.61 -12.26 -23.57
CA VAL B 8 2.18 -12.33 -23.77
C VAL B 8 1.47 -12.10 -22.45
N VAL B 9 0.16 -11.87 -22.53
CA VAL B 9 -0.70 -11.99 -21.36
C VAL B 9 -1.45 -13.30 -21.48
N SER B 10 -1.60 -13.99 -20.36
CA SER B 10 -2.18 -15.31 -20.35
C SER B 10 -2.84 -15.56 -18.99
N HIS B 11 -3.11 -16.83 -18.68
CA HIS B 11 -3.81 -17.19 -17.45
C HIS B 11 -3.42 -18.60 -17.02
N VAL B 12 -3.38 -18.85 -15.73
CA VAL B 12 -3.10 -20.18 -15.18
C VAL B 12 -4.21 -21.15 -15.53
N ASN B 13 -5.45 -20.72 -15.33
CA ASN B 13 -6.61 -21.55 -15.62
C ASN B 13 -7.74 -20.70 -16.22
N GLY B 14 -8.97 -21.21 -16.20
CA GLY B 14 -10.12 -20.47 -16.71
C GLY B 14 -10.50 -19.21 -15.94
N ASP B 15 -10.01 -19.07 -14.71
CA ASP B 15 -10.45 -17.99 -13.82
C ASP B 15 -9.73 -16.65 -14.10
N TRP B 16 -10.09 -16.01 -15.22
CA TRP B 16 -9.49 -14.73 -15.61
C TRP B 16 -10.50 -13.78 -16.23
N PHE B 17 -10.12 -12.50 -16.28
CA PHE B 17 -10.94 -11.46 -16.89
C PHE B 17 -10.12 -10.32 -17.49
N LEU B 18 -10.58 -9.82 -18.63
CA LEU B 18 -9.91 -8.73 -19.37
C LEU B 18 -10.77 -7.46 -19.43
N PHE B 19 -10.16 -6.33 -19.09
CA PHE B 19 -10.77 -5.01 -19.26
C PHE B 19 -10.05 -4.29 -20.39
N GLY B 20 -10.80 -3.81 -21.37
CA GLY B 20 -10.19 -3.20 -22.55
C GLY B 20 -11.02 -2.18 -23.30
N ASP B 21 -10.66 -1.97 -24.57
CA ASP B 21 -11.29 -0.92 -25.39
C ASP B 21 -11.65 -1.49 -26.77
N SER B 22 -11.71 -0.65 -27.81
CA SER B 22 -12.16 -1.14 -29.12
C SER B 22 -11.30 -2.33 -29.58
N ARG B 23 -10.04 -2.35 -29.17
CA ARG B 23 -9.11 -3.42 -29.53
C ARG B 23 -9.43 -4.78 -28.91
N SER B 24 -10.40 -4.84 -28.02
CA SER B 24 -10.96 -6.11 -27.54
C SER B 24 -12.48 -6.01 -27.34
N ASP B 25 -13.12 -5.17 -28.16
CA ASP B 25 -14.56 -4.94 -28.10
C ASP B 25 -15.23 -5.75 -29.21
N CYS B 26 -15.78 -6.91 -28.86
CA CYS B 26 -16.38 -7.84 -29.84
C CYS B 26 -17.68 -7.32 -30.43
N ASN B 27 -18.41 -6.52 -29.67
CA ASN B 27 -19.42 -5.64 -30.22
C ASN B 27 -18.63 -4.47 -30.79
N HIS B 28 -19.27 -3.60 -31.58
CA HIS B 28 -18.56 -2.49 -32.27
C HIS B 28 -18.43 -2.83 -33.71
N ILE B 29 -18.07 -4.09 -33.99
CA ILE B 29 -18.18 -4.63 -35.34
C ILE B 29 -19.54 -4.23 -35.92
N GLY B 30 -20.56 -4.16 -35.06
CA GLY B 30 -21.88 -3.67 -35.45
C GLY B 30 -21.95 -2.20 -35.85
N ASN B 31 -21.08 -1.37 -35.29
CA ASN B 31 -21.10 0.07 -35.54
C ASN B 31 -20.06 0.58 -36.55
N ILE B 32 -19.50 -0.31 -37.37
CA ILE B 32 -18.47 0.09 -38.34
C ILE B 32 -18.70 -0.55 -39.68
N ASN B 33 -18.03 0.00 -40.69
CA ASN B 33 -18.12 -0.49 -42.06
C ASN B 33 -16.76 -0.34 -42.75
N PRO B 34 -16.19 -1.45 -43.26
CA PRO B 34 -16.75 -2.81 -43.30
C PRO B 34 -16.80 -3.51 -41.94
N HIS B 35 -17.64 -4.54 -41.85
CA HIS B 35 -17.76 -5.35 -40.64
C HIS B 35 -16.69 -6.43 -40.66
N ASN B 36 -15.54 -6.09 -40.06
CA ASN B 36 -14.39 -6.96 -40.02
C ASN B 36 -13.82 -6.87 -38.61
N TYR B 37 -13.29 -7.97 -38.09
CA TYR B 37 -12.71 -7.98 -36.74
C TYR B 37 -11.21 -7.64 -36.74
N SER B 38 -10.71 -7.11 -37.84
CA SER B 38 -9.29 -6.78 -37.97
C SER B 38 -8.88 -5.62 -37.05
N TYR B 39 -9.83 -4.78 -36.66
CA TYR B 39 -9.57 -3.68 -35.71
C TYR B 39 -9.11 -4.17 -34.34
N MET B 40 -9.44 -5.41 -33.97
CA MET B 40 -9.06 -5.95 -32.66
C MET B 40 -7.65 -6.52 -32.66
N ASP B 41 -7.00 -6.44 -31.50
CA ASP B 41 -5.77 -7.19 -31.25
C ASP B 41 -6.14 -8.53 -30.61
N LEU B 42 -7.28 -8.54 -29.91
CA LEU B 42 -7.85 -9.76 -29.36
C LEU B 42 -8.25 -10.70 -30.48
N ASN B 43 -8.16 -11.99 -30.19
CA ASN B 43 -8.59 -13.02 -31.14
C ASN B 43 -10.09 -13.21 -31.05
N PRO B 44 -10.78 -13.14 -32.19
CA PRO B 44 -12.24 -13.29 -32.20
C PRO B 44 -12.77 -14.56 -31.51
N ALA B 45 -11.97 -15.61 -31.44
CA ALA B 45 -12.41 -16.87 -30.83
C ALA B 45 -12.82 -16.68 -29.37
N LEU B 46 -12.23 -15.69 -28.71
CA LEU B 46 -12.52 -15.38 -27.31
C LEU B 46 -13.78 -14.54 -27.09
N CYS B 47 -14.43 -14.10 -28.17
CA CYS B 47 -15.56 -13.16 -28.06
C CYS B 47 -16.72 -13.68 -27.23
N ASP B 48 -16.94 -15.00 -27.22
CA ASP B 48 -18.00 -15.62 -26.40
C ASP B 48 -17.47 -16.24 -25.08
N SER B 49 -16.29 -15.80 -24.64
CA SER B 49 -15.67 -16.38 -23.45
C SER B 49 -16.39 -15.97 -22.15
N GLY B 50 -17.14 -14.87 -22.21
CA GLY B 50 -17.80 -14.32 -21.03
C GLY B 50 -16.85 -13.58 -20.12
N LYS B 51 -15.66 -13.27 -20.62
CA LYS B 51 -14.57 -12.78 -19.77
C LYS B 51 -13.94 -11.46 -20.23
N ILE B 52 -14.63 -10.73 -21.11
CA ILE B 52 -14.17 -9.44 -21.61
C ILE B 52 -15.19 -8.35 -21.28
N SER B 53 -14.72 -7.29 -20.61
CA SER B 53 -15.50 -6.07 -20.46
C SER B 53 -14.71 -4.97 -21.15
N SER B 54 -15.16 -4.59 -22.34
CA SER B 54 -14.45 -3.62 -23.16
C SER B 54 -15.42 -2.77 -23.95
N LYS B 55 -15.02 -1.53 -24.23
CA LYS B 55 -15.85 -0.57 -24.94
C LYS B 55 -14.99 0.32 -25.82
N ALA B 56 -15.35 0.41 -27.10
CA ALA B 56 -14.65 1.26 -28.06
C ALA B 56 -14.66 2.73 -27.62
N GLY B 57 -13.51 3.37 -27.74
CA GLY B 57 -13.35 4.77 -27.42
C GLY B 57 -13.24 5.11 -25.95
N ASN B 58 -13.34 4.11 -25.06
CA ASN B 58 -13.41 4.37 -23.62
C ASN B 58 -12.23 3.76 -22.86
N SER B 59 -12.10 4.15 -21.59
CA SER B 59 -11.11 3.58 -20.69
C SER B 59 -11.66 3.68 -19.28
N ILE B 60 -11.06 2.95 -18.34
CA ILE B 60 -11.58 2.93 -16.98
C ILE B 60 -11.53 4.34 -16.38
N PHE B 61 -10.42 5.04 -16.60
CA PHE B 61 -10.20 6.40 -16.10
C PHE B 61 -11.16 7.39 -16.74
N ARG B 62 -11.45 7.20 -18.02
CA ARG B 62 -12.40 8.04 -18.76
C ARG B 62 -13.82 7.87 -18.22
N SER B 63 -14.22 6.62 -18.00
CA SER B 63 -15.54 6.35 -17.41
C SER B 63 -15.62 6.87 -15.98
N PHE B 64 -14.53 6.73 -15.24
CA PHE B 64 -14.47 7.22 -13.86
C PHE B 64 -14.81 8.70 -13.74
N HIS B 65 -14.19 9.52 -14.59
CA HIS B 65 -14.22 10.97 -14.44
C HIS B 65 -15.25 11.68 -15.28
N PHE B 66 -15.66 11.08 -16.38
CA PHE B 66 -16.41 11.83 -17.39
C PHE B 66 -17.79 11.29 -17.71
N THR B 67 -18.59 12.15 -18.33
CA THR B 67 -19.94 11.84 -18.74
C THR B 67 -19.99 10.71 -19.79
N ASP B 68 -18.92 10.58 -20.56
CA ASP B 68 -18.76 9.52 -21.54
C ASP B 68 -18.46 8.21 -20.79
N PHE B 69 -19.53 7.63 -20.24
CA PHE B 69 -19.41 6.55 -19.28
C PHE B 69 -19.68 5.17 -19.87
N TYR B 70 -18.82 4.22 -19.53
CA TYR B 70 -19.09 2.80 -19.75
C TYR B 70 -18.94 2.06 -18.43
N ASN B 71 -19.91 1.24 -18.10
CA ASN B 71 -19.93 0.52 -16.83
C ASN B 71 -19.06 -0.74 -16.91
N TYR B 72 -17.75 -0.54 -16.84
CA TYR B 72 -16.79 -1.64 -16.78
C TYR B 72 -17.12 -2.59 -15.61
N THR B 73 -17.23 -3.89 -15.90
CA THR B 73 -17.72 -4.86 -14.92
C THR B 73 -17.13 -6.24 -15.17
N GLY B 74 -16.46 -6.81 -14.16
CA GLY B 74 -15.81 -8.10 -14.33
C GLY B 74 -15.25 -8.72 -13.07
N GLU B 75 -15.07 -10.04 -13.14
CA GLU B 75 -14.60 -10.84 -12.01
C GLU B 75 -13.62 -11.94 -12.46
N GLY B 76 -12.52 -12.09 -11.74
CA GLY B 76 -11.55 -13.15 -12.01
C GLY B 76 -10.37 -13.14 -11.05
N GLN B 77 -9.71 -14.28 -10.90
CA GLN B 77 -8.53 -14.39 -10.04
C GLN B 77 -7.37 -13.59 -10.64
N GLN B 78 -7.08 -13.83 -11.91
CA GLN B 78 -6.11 -13.02 -12.65
C GLN B 78 -6.81 -11.99 -13.53
N ILE B 79 -6.45 -10.72 -13.35
CA ILE B 79 -7.02 -9.64 -14.12
C ILE B 79 -6.00 -9.10 -15.11
N ILE B 80 -6.46 -8.84 -16.32
CA ILE B 80 -5.65 -8.22 -17.36
C ILE B 80 -6.33 -6.93 -17.79
N PHE B 81 -5.53 -5.86 -17.93
CA PHE B 81 -6.01 -4.58 -18.44
C PHE B 81 -5.32 -4.28 -19.75
N TYR B 82 -6.11 -4.08 -20.81
CA TYR B 82 -5.59 -3.51 -22.06
C TYR B 82 -6.44 -2.28 -22.43
N GLU B 83 -6.27 -1.23 -21.64
CA GLU B 83 -6.88 0.06 -21.94
C GLU B 83 -6.10 1.20 -21.31
N GLY B 84 -6.45 2.43 -21.69
CA GLY B 84 -5.78 3.63 -21.18
C GLY B 84 -5.59 4.69 -22.24
N VAL B 85 -5.47 4.25 -23.49
CA VAL B 85 -5.14 5.14 -24.60
C VAL B 85 -6.24 6.17 -24.84
N ASN B 86 -7.47 5.83 -24.44
CA ASN B 86 -8.59 6.73 -24.65
C ASN B 86 -8.65 7.91 -23.66
N PHE B 87 -7.62 8.07 -22.83
CA PHE B 87 -7.30 9.37 -22.23
C PHE B 87 -5.77 9.57 -22.24
N THR B 88 -5.32 10.38 -23.19
CA THR B 88 -3.90 10.57 -23.47
C THR B 88 -3.66 12.04 -23.81
N PRO B 89 -2.39 12.47 -23.88
CA PRO B 89 -2.11 13.86 -24.28
C PRO B 89 -2.63 14.23 -25.67
N TYR B 90 -2.82 13.22 -26.52
CA TYR B 90 -3.52 13.41 -27.80
C TYR B 90 -4.85 14.13 -27.61
N HIS B 91 -5.63 13.68 -26.62
CA HIS B 91 -6.92 14.31 -26.31
C HIS B 91 -6.75 15.72 -25.76
N ALA B 92 -5.62 15.96 -25.11
CA ALA B 92 -5.23 17.30 -24.64
C ALA B 92 -6.27 17.92 -23.69
N PHE B 93 -6.77 17.11 -22.76
CA PHE B 93 -7.77 17.59 -21.82
C PHE B 93 -7.18 18.56 -20.81
N LYS B 94 -8.03 19.50 -20.40
CA LYS B 94 -7.75 20.44 -19.33
C LYS B 94 -9.10 21.04 -18.97
N CYS B 95 -9.26 21.56 -17.74
CA CYS B 95 -10.54 22.13 -17.33
C CYS B 95 -10.79 23.48 -18.00
N ASN B 96 -10.17 24.52 -17.47
CA ASN B 96 -10.46 25.90 -17.89
C ASN B 96 -9.51 26.30 -19.02
N ARG B 97 -9.52 27.57 -19.37
CA ARG B 97 -8.56 28.15 -20.32
C ARG B 97 -7.13 27.82 -19.92
N SER B 98 -6.69 28.37 -18.78
CA SER B 98 -5.32 28.20 -18.31
C SER B 98 -5.16 26.89 -17.54
N GLY B 99 -5.57 25.79 -18.18
CA GLY B 99 -5.45 24.47 -17.58
C GLY B 99 -4.11 23.84 -17.91
N SER B 100 -3.97 22.55 -17.60
CA SER B 100 -2.73 21.82 -17.83
C SER B 100 -2.99 20.33 -17.99
N ASN B 101 -2.62 19.79 -19.14
CA ASN B 101 -2.72 18.35 -19.40
C ASN B 101 -1.77 17.56 -18.50
N ASP B 102 -0.59 18.10 -18.23
CA ASP B 102 0.39 17.47 -17.33
C ASP B 102 -0.26 17.04 -16.02
N ILE B 103 -1.10 17.92 -15.47
CA ILE B 103 -1.81 17.65 -14.23
C ILE B 103 -2.72 16.43 -14.40
N TRP B 104 -3.38 16.34 -15.56
CA TRP B 104 -4.28 15.21 -15.83
C TRP B 104 -3.57 13.88 -16.13
N MET B 105 -2.31 13.94 -16.56
CA MET B 105 -1.48 12.75 -16.68
C MET B 105 -1.04 12.29 -15.29
N GLN B 106 -0.72 13.25 -14.43
CA GLN B 106 -0.44 12.97 -13.02
C GLN B 106 -1.64 12.23 -12.43
N ASN B 107 -2.83 12.78 -12.67
CA ASN B 107 -4.08 12.18 -12.23
C ASN B 107 -4.26 10.75 -12.73
N LYS B 108 -4.04 10.55 -14.03
CA LYS B 108 -4.13 9.22 -14.67
C LYS B 108 -3.23 8.19 -13.98
N GLY B 109 -1.97 8.56 -13.78
CA GLY B 109 -1.00 7.67 -13.15
C GLY B 109 -1.39 7.24 -11.75
N LEU B 110 -1.95 8.18 -10.97
CA LEU B 110 -2.36 7.90 -9.59
C LEU B 110 -3.64 7.05 -9.53
N PHE B 111 -4.58 7.29 -10.43
CA PHE B 111 -5.79 6.46 -10.50
C PHE B 111 -5.44 4.99 -10.77
N TYR B 112 -4.72 4.73 -11.87
CA TYR B 112 -4.36 3.34 -12.24
C TYR B 112 -3.47 2.65 -11.21
N THR B 113 -2.66 3.41 -10.48
CA THR B 113 -1.88 2.83 -9.38
C THR B 113 -2.81 2.15 -8.38
N GLN B 114 -3.92 2.82 -8.02
CA GLN B 114 -4.88 2.26 -7.07
C GLN B 114 -5.65 1.11 -7.68
N VAL B 115 -6.00 1.23 -8.97
CA VAL B 115 -6.76 0.18 -9.64
C VAL B 115 -5.98 -1.14 -9.64
N TYR B 116 -4.72 -1.08 -10.05
CA TYR B 116 -3.89 -2.30 -10.16
C TYR B 116 -3.54 -2.89 -8.79
N LYS B 117 -3.15 -2.04 -7.85
CA LYS B 117 -2.87 -2.50 -6.49
C LYS B 117 -4.05 -3.26 -5.90
N ASN B 118 -5.26 -2.78 -6.12
CA ASN B 118 -6.44 -3.38 -5.50
C ASN B 118 -7.03 -4.56 -6.24
N MET B 119 -6.87 -4.58 -7.57
CA MET B 119 -7.31 -5.77 -8.32
C MET B 119 -6.33 -6.94 -8.19
N ALA B 120 -5.24 -6.73 -7.46
CA ALA B 120 -4.37 -7.82 -7.02
C ALA B 120 -4.99 -8.59 -5.85
N VAL B 121 -5.92 -7.96 -5.14
CA VAL B 121 -6.52 -8.52 -3.93
C VAL B 121 -8.06 -8.62 -3.93
N TYR B 122 -8.70 -8.22 -5.04
CA TYR B 122 -10.14 -8.40 -5.21
C TYR B 122 -10.44 -9.07 -6.54
N ARG B 123 -11.43 -9.95 -6.55
CA ARG B 123 -11.84 -10.66 -7.75
C ARG B 123 -12.62 -9.75 -8.67
N SER B 124 -13.49 -8.94 -8.07
CA SER B 124 -14.59 -8.31 -8.80
C SER B 124 -14.43 -6.80 -8.84
N LEU B 125 -14.53 -6.24 -10.04
CA LEU B 125 -14.46 -4.79 -10.25
C LEU B 125 -15.70 -4.31 -11.02
N THR B 126 -16.27 -3.21 -10.56
CA THR B 126 -17.33 -2.53 -11.31
C THR B 126 -17.42 -1.06 -10.84
N PHE B 127 -18.43 -0.35 -11.34
CA PHE B 127 -18.71 1.03 -10.95
C PHE B 127 -19.98 1.09 -10.10
N VAL B 128 -19.96 1.95 -9.10
CA VAL B 128 -21.18 2.35 -8.39
C VAL B 128 -21.34 3.85 -8.53
N ASN B 129 -22.58 4.30 -8.70
CA ASN B 129 -22.89 5.71 -8.59
C ASN B 129 -22.89 6.10 -7.11
N VAL B 130 -22.26 7.22 -6.80
CA VAL B 130 -22.21 7.71 -5.44
C VAL B 130 -23.27 8.78 -5.26
N SER B 131 -24.25 8.48 -4.41
CA SER B 131 -25.33 9.42 -4.14
C SER B 131 -24.97 10.34 -2.99
N TYR B 132 -25.28 11.62 -3.16
CA TYR B 132 -24.91 12.64 -2.21
C TYR B 132 -26.09 13.56 -1.94
N VAL B 133 -26.13 14.13 -0.74
CA VAL B 133 -27.20 15.05 -0.36
C VAL B 133 -26.62 16.42 -0.05
N TYR B 134 -27.01 17.42 -0.86
CA TYR B 134 -26.65 18.81 -0.62
C TYR B 134 -27.94 19.61 -0.46
N ASN B 135 -28.06 20.30 0.67
CA ASN B 135 -29.31 20.98 1.05
C ASN B 135 -29.45 22.44 0.63
N GLY B 136 -28.42 22.98 -0.03
CA GLY B 136 -28.48 24.32 -0.59
C GLY B 136 -29.19 24.35 -1.93
N SER B 137 -29.37 25.56 -2.47
CA SER B 137 -30.16 25.75 -3.69
C SER B 137 -29.41 25.42 -4.96
N ALA B 138 -28.10 25.70 -4.98
CA ALA B 138 -27.27 25.47 -6.18
C ALA B 138 -27.31 24.02 -6.66
N GLN B 139 -27.15 23.83 -7.97
CA GLN B 139 -27.14 22.50 -8.60
C GLN B 139 -25.70 22.06 -8.81
N ALA B 140 -25.51 20.77 -9.05
CA ALA B 140 -24.23 20.26 -9.53
C ALA B 140 -24.03 20.72 -10.97
N THR B 141 -23.36 21.85 -11.15
CA THR B 141 -23.05 22.35 -12.49
C THR B 141 -21.76 21.72 -13.00
N ALA B 142 -21.61 21.69 -14.32
CA ALA B 142 -20.44 21.10 -14.96
C ALA B 142 -19.60 22.20 -15.59
N PHE B 143 -18.68 22.76 -14.81
CA PHE B 143 -17.72 23.75 -15.31
C PHE B 143 -16.31 23.15 -15.26
N CYS B 144 -15.98 22.44 -16.33
CA CYS B 144 -14.65 21.88 -16.62
C CYS B 144 -14.84 20.86 -17.74
N LYS B 145 -14.53 21.27 -18.97
CA LYS B 145 -14.70 20.41 -20.14
C LYS B 145 -13.82 20.82 -21.32
N SER B 146 -13.70 19.88 -22.27
CA SER B 146 -12.83 20.07 -23.44
C SER B 146 -13.21 19.02 -24.49
N GLY B 147 -13.75 19.48 -25.62
CA GLY B 147 -14.26 18.57 -26.65
C GLY B 147 -15.53 17.88 -26.19
N SER B 148 -15.57 16.55 -26.36
CA SER B 148 -16.71 15.74 -25.90
C SER B 148 -16.47 15.15 -24.51
N LEU B 149 -15.40 15.59 -23.84
CA LEU B 149 -15.11 15.16 -22.47
C LEU B 149 -15.58 16.19 -21.47
N VAL B 150 -16.63 15.84 -20.74
CA VAL B 150 -17.21 16.71 -19.73
C VAL B 150 -17.04 16.02 -18.39
N LEU B 151 -16.38 16.69 -17.46
CA LEU B 151 -16.14 16.13 -16.14
C LEU B 151 -17.44 16.08 -15.36
N ASN B 152 -17.77 14.91 -14.81
CA ASN B 152 -18.92 14.78 -13.92
C ASN B 152 -18.59 14.12 -12.56
N ASN B 153 -17.35 13.68 -12.40
CA ASN B 153 -16.86 13.13 -11.13
C ASN B 153 -15.47 13.69 -10.88
N PRO B 154 -15.26 14.40 -9.75
CA PRO B 154 -16.26 14.79 -8.75
C PRO B 154 -17.24 15.81 -9.28
N ALA B 155 -18.39 15.93 -8.62
CA ALA B 155 -19.33 17.00 -8.94
C ALA B 155 -18.78 18.34 -8.45
N TYR B 156 -19.42 19.42 -8.89
CA TYR B 156 -18.94 20.77 -8.68
C TYR B 156 -20.13 21.67 -8.29
N ILE B 157 -20.26 21.93 -6.99
CA ILE B 157 -21.33 22.78 -6.43
C ILE B 157 -20.78 24.14 -6.05
N ALA B 158 -21.48 25.20 -6.43
CA ALA B 158 -21.11 26.57 -6.03
C ALA B 158 -22.37 27.38 -5.79
N PRO B 159 -22.53 27.94 -4.57
CA PRO B 159 -23.64 28.87 -4.33
C PRO B 159 -23.37 30.25 -4.92
N LYS B 168 -19.23 28.25 5.05
CA LYS B 168 -18.86 26.84 4.99
C LYS B 168 -19.99 26.02 4.38
N VAL B 169 -19.68 25.28 3.30
CA VAL B 169 -20.67 24.45 2.62
C VAL B 169 -20.26 22.99 2.65
N GLU B 170 -21.25 22.10 2.77
CA GLU B 170 -20.97 20.68 2.86
C GLU B 170 -22.12 19.82 2.33
N ALA B 171 -21.80 18.57 2.04
CA ALA B 171 -22.78 17.62 1.52
C ALA B 171 -22.46 16.24 2.04
N ASP B 172 -23.50 15.46 2.32
CA ASP B 172 -23.34 14.05 2.64
C ASP B 172 -23.05 13.27 1.37
N PHE B 173 -22.31 12.18 1.51
CA PHE B 173 -22.29 11.14 0.48
C PHE B 173 -22.11 9.76 1.08
N TYR B 174 -22.53 8.74 0.34
CA TYR B 174 -22.62 7.38 0.84
C TYR B 174 -21.90 6.39 -0.05
N LEU B 175 -21.14 5.50 0.58
CA LEU B 175 -20.47 4.39 -0.10
C LEU B 175 -21.13 3.09 0.33
N SER B 176 -21.94 2.52 -0.57
CA SER B 176 -22.60 1.24 -0.36
C SER B 176 -22.37 0.35 -1.57
N GLY B 177 -22.32 -0.96 -1.32
CA GLY B 177 -22.32 -1.98 -2.38
C GLY B 177 -20.98 -2.63 -2.64
N CYS B 178 -19.96 -2.26 -1.88
CA CYS B 178 -18.61 -2.76 -2.14
C CYS B 178 -17.84 -2.96 -0.84
N ASP B 179 -16.81 -3.81 -0.89
CA ASP B 179 -15.85 -3.95 0.21
C ASP B 179 -15.07 -2.66 0.34
N GLU B 180 -14.49 -2.22 -0.77
CA GLU B 180 -13.74 -0.97 -0.82
C GLU B 180 -14.03 -0.21 -2.11
N TYR B 181 -13.75 1.10 -2.07
CA TYR B 181 -14.11 2.01 -3.16
C TYR B 181 -12.95 2.93 -3.49
N ILE B 182 -12.82 3.32 -4.76
CA ILE B 182 -11.96 4.45 -5.13
C ILE B 182 -12.82 5.67 -5.45
N VAL B 183 -12.61 6.75 -4.71
CA VAL B 183 -13.27 8.02 -4.98
C VAL B 183 -12.21 9.10 -5.20
N PRO B 184 -12.55 10.12 -6.00
CA PRO B 184 -11.63 11.22 -6.23
C PRO B 184 -11.79 12.32 -5.18
N LEU B 185 -10.65 12.81 -4.69
CA LEU B 185 -10.61 14.02 -3.88
C LEU B 185 -9.67 14.97 -4.61
N CYS B 186 -10.22 16.07 -5.12
CA CYS B 186 -9.45 16.99 -5.95
C CYS B 186 -9.64 18.45 -5.55
N ILE B 187 -8.64 19.27 -5.86
CA ILE B 187 -8.74 20.72 -5.72
C ILE B 187 -7.98 21.36 -6.88
N PHE B 188 -8.19 22.66 -7.07
CA PHE B 188 -7.39 23.41 -8.03
C PHE B 188 -6.13 23.91 -7.35
N ASN B 189 -4.99 23.83 -8.05
CA ASN B 189 -3.73 24.36 -7.52
C ASN B 189 -3.69 25.89 -7.52
N GLY B 190 -2.78 26.46 -6.73
CA GLY B 190 -2.64 27.91 -6.59
C GLY B 190 -3.72 28.52 -5.71
N LYS B 191 -3.55 29.80 -5.36
CA LYS B 191 -4.51 30.50 -4.51
C LYS B 191 -5.45 31.36 -5.34
N PHE B 192 -6.75 31.25 -5.08
CA PHE B 192 -7.76 32.04 -5.78
C PHE B 192 -7.98 33.38 -5.07
N LEU B 193 -8.34 34.42 -5.84
CA LEU B 193 -8.48 35.78 -5.32
C LEU B 193 -9.93 36.10 -4.95
N SER B 194 -10.10 36.90 -3.90
CA SER B 194 -11.43 37.32 -3.45
C SER B 194 -11.33 38.57 -2.57
N ASN B 195 -11.76 39.71 -3.10
CA ASN B 195 -11.70 41.00 -2.40
C ASN B 195 -10.30 41.31 -1.86
N THR B 196 -9.34 41.46 -2.77
CA THR B 196 -7.93 41.73 -2.44
C THR B 196 -7.22 40.51 -1.83
N LYS B 197 -7.83 39.89 -0.83
CA LYS B 197 -7.21 38.77 -0.08
C LYS B 197 -7.15 37.48 -0.91
N TYR B 198 -5.98 36.83 -0.91
CA TYR B 198 -5.84 35.50 -1.52
C TYR B 198 -6.30 34.43 -0.54
N TYR B 199 -6.88 33.35 -1.08
CA TYR B 199 -7.37 32.23 -0.28
C TYR B 199 -7.03 30.90 -0.94
N ASP B 200 -6.96 29.84 -0.13
CA ASP B 200 -6.58 28.52 -0.62
C ASP B 200 -7.81 27.68 -0.95
N HIS B 201 -7.76 26.97 -2.08
CA HIS B 201 -8.75 25.93 -2.36
C HIS B 201 -8.59 24.86 -1.28
N SER B 202 -9.71 24.32 -0.79
CA SER B 202 -9.68 23.39 0.33
C SER B 202 -10.89 22.45 0.36
N GLN B 203 -10.63 21.14 0.33
CA GLN B 203 -11.68 20.11 0.37
C GLN B 203 -11.33 19.01 1.36
N TYR B 204 -12.24 18.70 2.28
CA TYR B 204 -12.13 17.53 3.15
C TYR B 204 -13.20 16.50 2.82
N TYR B 205 -12.84 15.23 2.94
CA TYR B 205 -13.83 14.17 3.09
C TYR B 205 -13.70 13.65 4.53
N PHE B 206 -14.83 13.27 5.11
CA PHE B 206 -14.87 12.84 6.51
C PHE B 206 -15.76 11.62 6.71
N ASN B 207 -15.17 10.51 7.14
CA ASN B 207 -15.92 9.31 7.50
C ASN B 207 -16.53 9.50 8.88
N LYS B 208 -17.86 9.51 8.93
CA LYS B 208 -18.56 9.75 10.18
C LYS B 208 -18.47 8.55 11.14
N ASP B 209 -18.15 7.39 10.61
CA ASP B 209 -18.11 6.16 11.40
C ASP B 209 -16.73 5.97 12.04
N THR B 210 -15.68 5.92 11.21
CA THR B 210 -14.29 5.76 11.68
C THR B 210 -13.67 7.05 12.24
N GLY B 211 -14.26 8.19 11.91
CA GLY B 211 -13.72 9.50 12.31
C GLY B 211 -12.53 10.00 11.50
N VAL B 212 -12.12 9.29 10.46
CA VAL B 212 -10.95 9.68 9.66
C VAL B 212 -11.30 10.87 8.74
N ILE B 213 -10.37 11.81 8.63
CA ILE B 213 -10.52 13.02 7.81
C ILE B 213 -9.42 13.07 6.75
N TYR B 214 -9.81 13.04 5.48
CA TYR B 214 -8.87 13.17 4.36
C TYR B 214 -9.09 14.56 3.77
N GLY B 215 -8.01 15.32 3.57
CA GLY B 215 -8.13 16.68 3.06
C GLY B 215 -7.05 17.13 2.09
N LEU B 216 -7.36 18.15 1.30
CA LEU B 216 -6.38 18.81 0.42
C LEU B 216 -6.54 20.33 0.46
N ASN B 217 -5.40 21.02 0.60
CA ASN B 217 -5.33 22.47 0.44
C ASN B 217 -4.35 22.79 -0.68
N SER B 218 -4.45 24.00 -1.24
CA SER B 218 -3.66 24.38 -2.42
C SER B 218 -2.35 25.07 -2.07
N THR B 219 -1.38 24.99 -2.98
CA THR B 219 -0.08 25.64 -2.84
C THR B 219 0.47 26.11 -4.19
N GLU B 220 1.52 26.93 -4.13
CA GLU B 220 2.21 27.44 -5.32
C GLU B 220 3.16 26.36 -5.84
N THR B 221 3.11 26.10 -7.15
CA THR B 221 3.92 25.05 -7.77
C THR B 221 4.27 25.39 -9.22
N ILE B 222 5.49 25.01 -9.65
CA ILE B 222 5.96 25.25 -11.01
C ILE B 222 5.64 24.05 -11.91
N THR B 224 2.98 28.59 -14.38
CA THR B 224 1.59 28.58 -14.81
C THR B 224 1.11 27.15 -15.04
N GLY B 225 -0.20 26.99 -15.25
CA GLY B 225 -0.83 25.68 -15.40
C GLY B 225 -1.71 25.39 -14.19
N PHE B 226 -2.86 26.04 -14.14
CA PHE B 226 -3.79 25.92 -13.01
C PHE B 226 -4.97 25.00 -13.36
N ASP B 227 -4.94 23.78 -12.81
CA ASP B 227 -5.94 22.75 -13.14
C ASP B 227 -6.23 21.84 -11.93
N LEU B 228 -7.15 20.89 -12.11
CA LEU B 228 -7.66 20.04 -11.03
C LEU B 228 -6.72 18.88 -10.65
N ASN B 229 -6.13 18.97 -9.45
CA ASN B 229 -5.27 17.90 -8.91
C ASN B 229 -6.08 16.90 -8.11
N CYS B 230 -6.13 15.64 -8.55
CA CYS B 230 -6.89 14.61 -7.86
C CYS B 230 -6.00 13.62 -7.12
N HIS B 231 -6.46 13.23 -5.93
CA HIS B 231 -5.95 12.08 -5.21
C HIS B 231 -7.07 11.07 -5.21
N TYR B 232 -6.71 9.79 -5.21
CA TYR B 232 -7.69 8.73 -5.32
C TYR B 232 -7.63 7.87 -4.07
N LEU B 233 -8.61 8.07 -3.21
CA LEU B 233 -8.64 7.43 -1.90
C LEU B 233 -9.29 6.07 -2.05
N VAL B 234 -8.72 5.07 -1.39
CA VAL B 234 -9.31 3.73 -1.31
C VAL B 234 -10.00 3.61 0.04
N LEU B 235 -11.32 3.64 0.04
CA LEU B 235 -12.09 3.80 1.27
C LEU B 235 -13.01 2.63 1.54
N PRO B 236 -13.44 2.45 2.80
CA PRO B 236 -14.42 1.42 3.13
C PRO B 236 -15.85 1.93 2.95
N SER B 237 -16.83 1.03 3.05
CA SER B 237 -18.23 1.43 3.08
C SER B 237 -18.48 2.33 4.29
N GLY B 238 -19.46 3.21 4.19
CA GLY B 238 -19.81 4.08 5.31
C GLY B 238 -20.55 5.35 4.91
N ASN B 239 -20.75 6.20 5.92
CA ASN B 239 -21.49 7.44 5.77
C ASN B 239 -20.50 8.60 5.85
N TYR B 240 -20.32 9.30 4.74
CA TYR B 240 -19.29 10.32 4.63
C TYR B 240 -19.85 11.73 4.56
N LEU B 241 -18.98 12.70 4.78
CA LEU B 241 -19.29 14.11 4.63
C LEU B 241 -18.22 14.79 3.78
N ALA B 242 -18.65 15.49 2.73
CA ALA B 242 -17.75 16.33 1.95
C ALA B 242 -17.86 17.76 2.48
N ILE B 243 -16.72 18.36 2.81
CA ILE B 243 -16.69 19.68 3.44
C ILE B 243 -15.76 20.61 2.67
N SER B 244 -16.21 21.85 2.46
CA SER B 244 -15.42 22.86 1.80
C SER B 244 -15.19 24.04 2.74
N ASN B 245 -13.98 24.57 2.70
CA ASN B 245 -13.67 25.82 3.38
C ASN B 245 -13.65 26.99 2.40
N GLU B 246 -13.68 26.66 1.11
CA GLU B 246 -13.73 27.68 0.04
C GLU B 246 -15.19 27.90 -0.37
N LEU B 247 -15.40 28.67 -1.44
CA LEU B 247 -16.75 28.91 -1.97
C LEU B 247 -17.32 27.69 -2.71
N LEU B 248 -16.45 26.97 -3.42
CA LEU B 248 -16.87 25.81 -4.23
C LEU B 248 -16.82 24.51 -3.45
N LEU B 249 -17.77 23.61 -3.71
CA LEU B 249 -17.78 22.28 -3.10
C LEU B 249 -17.68 21.18 -4.16
N THR B 250 -16.81 20.20 -3.90
CA THR B 250 -16.67 19.02 -4.75
C THR B 250 -17.07 17.76 -3.99
N VAL B 251 -17.73 16.86 -4.69
CA VAL B 251 -18.27 15.64 -4.08
C VAL B 251 -18.24 14.50 -5.10
N PRO B 252 -17.93 13.27 -4.66
CA PRO B 252 -17.87 12.16 -5.60
C PRO B 252 -19.24 11.72 -6.15
N THR B 253 -19.32 11.55 -7.47
CA THR B 253 -20.53 11.05 -8.14
C THR B 253 -20.40 9.60 -8.60
N LYS B 254 -19.17 9.12 -8.75
CA LYS B 254 -18.92 7.71 -9.04
C LYS B 254 -17.76 7.17 -8.24
N ALA B 255 -17.74 5.85 -8.08
CA ALA B 255 -16.60 5.15 -7.46
C ALA B 255 -16.32 3.82 -8.15
N ILE B 256 -15.05 3.41 -8.09
CA ILE B 256 -14.66 2.06 -8.51
C ILE B 256 -15.02 1.16 -7.34
N CYS B 257 -15.70 0.05 -7.66
CA CYS B 257 -16.30 -0.85 -6.67
C CYS B 257 -15.53 -2.16 -6.64
N PHE B 258 -14.89 -2.45 -5.51
CA PHE B 258 -14.15 -3.69 -5.35
C PHE B 258 -14.95 -4.69 -4.54
N ASN B 259 -14.92 -5.95 -4.93
CA ASN B 259 -15.59 -7.00 -4.17
C ASN B 259 -14.85 -8.34 -4.22
N LYS B 260 -15.08 -9.14 -3.18
CA LYS B 260 -14.59 -10.53 -3.10
C LYS B 260 -13.08 -10.55 -2.96
N ARG B 261 -12.62 -10.47 -1.72
CA ARG B 261 -11.21 -10.52 -1.39
C ARG B 261 -10.62 -11.88 -1.81
N LYS B 262 -9.42 -11.84 -2.38
CA LYS B 262 -8.75 -13.02 -2.92
C LYS B 262 -7.28 -13.06 -2.51
N ASP B 263 -6.66 -14.23 -2.58
CA ASP B 263 -5.22 -14.35 -2.35
C ASP B 263 -4.47 -13.49 -3.38
N PHE B 264 -3.36 -12.90 -2.93
CA PHE B 264 -2.60 -11.95 -3.74
C PHE B 264 -2.24 -12.52 -5.11
N THR B 265 -2.72 -11.85 -6.16
CA THR B 265 -2.57 -12.31 -7.54
C THR B 265 -2.20 -11.13 -8.41
N PRO B 266 -0.91 -11.02 -8.80
CA PRO B 266 -0.51 -9.84 -9.57
C PRO B 266 -1.34 -9.68 -10.84
N VAL B 267 -1.78 -8.46 -11.13
CA VAL B 267 -2.48 -8.17 -12.38
C VAL B 267 -1.51 -8.05 -13.55
N GLN B 268 -2.06 -8.10 -14.76
CA GLN B 268 -1.27 -7.93 -15.97
C GLN B 268 -1.75 -6.72 -16.75
N VAL B 269 -0.84 -5.80 -17.03
CA VAL B 269 -1.16 -4.59 -17.77
C VAL B 269 -0.42 -4.55 -19.10
N VAL B 270 -1.17 -4.37 -20.18
CA VAL B 270 -0.62 -4.23 -21.52
C VAL B 270 -0.59 -2.74 -21.88
N ASP B 271 0.59 -2.24 -22.24
CA ASP B 271 0.75 -0.86 -22.68
C ASP B 271 -0.33 -0.49 -23.69
N SER B 272 -1.01 0.63 -23.46
CA SER B 272 -2.10 1.10 -24.31
C SER B 272 -1.75 2.46 -24.94
N ARG B 273 -1.23 2.43 -26.15
CA ARG B 273 -0.76 3.65 -26.83
C ARG B 273 -1.33 3.77 -28.23
N TRP B 274 -1.11 4.93 -28.85
CA TRP B 274 -1.49 5.17 -30.23
C TRP B 274 -0.32 4.84 -31.14
N ASN B 275 -0.59 4.92 -32.45
CA ASN B 275 0.45 5.08 -33.45
C ASN B 275 1.29 6.30 -33.07
N ASN B 276 2.60 6.24 -33.32
CA ASN B 276 3.52 7.30 -32.92
C ASN B 276 3.22 8.69 -33.47
N ALA B 277 2.37 8.75 -34.50
CA ALA B 277 1.89 10.04 -35.04
C ALA B 277 1.12 10.84 -33.99
N ARG B 278 0.43 10.13 -33.09
CA ARG B 278 -0.24 10.75 -31.93
C ARG B 278 0.61 10.57 -30.66
N GLN B 279 0.61 11.58 -29.80
CA GLN B 279 1.35 11.50 -28.55
C GLN B 279 0.61 10.65 -27.51
N SER B 280 1.31 9.66 -26.96
CA SER B 280 0.80 8.82 -25.89
C SER B 280 1.50 9.17 -24.58
N ASP B 281 1.18 8.43 -23.51
CA ASP B 281 1.86 8.60 -22.22
C ASP B 281 2.27 7.25 -21.66
N ASN B 282 3.10 7.28 -20.62
CA ASN B 282 3.59 6.08 -19.97
C ASN B 282 3.03 5.89 -18.56
N MET B 283 1.95 6.59 -18.26
CA MET B 283 1.43 6.60 -16.89
C MET B 283 1.00 5.24 -16.37
N THR B 284 0.46 4.37 -17.23
CA THR B 284 0.09 3.02 -16.80
C THR B 284 1.34 2.19 -16.49
N ALA B 285 2.42 2.44 -17.22
CA ALA B 285 3.70 1.79 -16.91
C ALA B 285 4.16 2.21 -15.51
N VAL B 286 4.10 3.51 -15.22
CA VAL B 286 4.45 4.02 -13.90
C VAL B 286 3.57 3.43 -12.81
N ALA B 287 2.30 3.18 -13.13
CA ALA B 287 1.34 2.61 -12.19
C ALA B 287 1.58 1.11 -11.94
N CYS B 288 2.10 0.42 -12.97
CA CYS B 288 2.33 -1.01 -12.94
C CYS B 288 3.74 -1.32 -12.43
N GLN B 289 3.82 -1.78 -11.19
CA GLN B 289 5.11 -2.12 -10.59
C GLN B 289 5.02 -3.46 -9.81
N PRO B 290 6.19 -4.11 -9.60
CA PRO B 290 6.21 -5.29 -8.74
C PRO B 290 5.92 -4.93 -7.28
N PRO B 291 5.32 -5.85 -6.50
CA PRO B 291 4.95 -7.23 -6.84
C PRO B 291 3.51 -7.39 -7.39
N TYR B 292 2.76 -6.31 -7.51
CA TYR B 292 1.32 -6.41 -7.78
C TYR B 292 0.94 -6.33 -9.26
N CYS B 293 1.91 -6.09 -10.15
CA CYS B 293 1.61 -5.89 -11.58
C CYS B 293 2.78 -6.26 -12.51
N TYR B 294 2.44 -6.87 -13.66
CA TYR B 294 3.39 -7.12 -14.76
C TYR B 294 3.00 -6.29 -15.97
N PHE B 295 3.97 -5.59 -16.55
CA PHE B 295 3.74 -4.72 -17.69
C PHE B 295 4.26 -5.39 -18.96
N ARG B 296 3.40 -5.51 -19.96
CA ARG B 296 3.77 -6.05 -21.26
C ARG B 296 3.65 -4.98 -22.33
N ASN B 297 4.67 -4.86 -23.17
CA ASN B 297 4.70 -3.89 -24.25
C ASN B 297 5.41 -4.50 -25.46
N SER B 298 4.97 -4.14 -26.67
CA SER B 298 5.65 -4.62 -27.88
C SER B 298 6.90 -3.79 -28.13
N THR B 299 7.78 -4.30 -28.99
CA THR B 299 9.04 -3.63 -29.32
C THR B 299 8.92 -2.74 -30.55
N THR B 300 7.75 -2.71 -31.19
CA THR B 300 7.52 -1.92 -32.38
C THR B 300 6.47 -0.82 -32.19
N ASN B 301 6.43 0.08 -33.15
CA ASN B 301 5.37 1.07 -33.26
C ASN B 301 4.05 0.38 -33.55
N TYR B 302 2.96 0.93 -33.03
CA TYR B 302 1.62 0.43 -33.31
C TYR B 302 1.24 0.79 -34.74
N VAL B 303 1.23 -0.21 -35.63
CA VAL B 303 0.76 -0.03 -37.00
C VAL B 303 -0.42 -0.98 -37.22
N GLY B 304 -1.62 -0.42 -37.24
CA GLY B 304 -2.85 -1.21 -37.37
C GLY B 304 -3.24 -1.49 -38.81
N VAL B 305 -4.12 -2.47 -39.00
CA VAL B 305 -4.54 -2.89 -40.34
C VAL B 305 -5.92 -2.34 -40.75
N TYR B 306 -6.83 -2.21 -39.79
CA TYR B 306 -8.16 -1.65 -40.08
C TYR B 306 -8.03 -0.16 -40.34
N ASP B 307 -7.37 0.52 -39.41
CA ASP B 307 -6.81 1.85 -39.64
C ASP B 307 -5.48 1.89 -38.89
N ILE B 308 -4.80 3.02 -38.90
CA ILE B 308 -3.43 3.09 -38.37
C ILE B 308 -3.35 2.75 -36.87
N ASN B 309 -4.44 2.98 -36.13
CA ASN B 309 -4.47 2.82 -34.68
C ASN B 309 -5.18 1.57 -34.15
N HIS B 310 -5.59 0.67 -35.05
CA HIS B 310 -6.35 -0.52 -34.65
C HIS B 310 -5.97 -1.78 -35.44
N GLY B 311 -5.43 -2.78 -34.73
CA GLY B 311 -5.14 -4.10 -35.33
C GLY B 311 -3.67 -4.29 -35.65
N ASP B 312 -2.85 -4.32 -34.61
CA ASP B 312 -1.39 -4.34 -34.73
C ASP B 312 -0.85 -5.74 -34.47
N ALA B 313 0.24 -6.10 -35.15
CA ALA B 313 0.86 -7.42 -35.02
C ALA B 313 1.48 -7.61 -33.63
N GLY B 314 2.21 -6.61 -33.17
CA GLY B 314 2.88 -6.67 -31.88
C GLY B 314 1.94 -6.91 -30.72
N PHE B 315 0.82 -6.19 -30.70
CA PHE B 315 -0.13 -6.30 -29.59
C PHE B 315 -1.10 -7.48 -29.77
N THR B 316 -1.42 -7.81 -31.02
CA THR B 316 -2.19 -9.05 -31.32
C THR B 316 -1.43 -10.29 -30.83
N SER B 317 -0.10 -10.21 -30.90
CA SER B 317 0.78 -11.26 -30.41
C SER B 317 0.74 -11.36 -28.90
N ILE B 318 0.81 -10.20 -28.24
CA ILE B 318 0.80 -10.16 -26.78
C ILE B 318 -0.51 -10.74 -26.25
N LEU B 319 -1.64 -10.35 -26.83
CA LEU B 319 -2.94 -10.86 -26.38
C LEU B 319 -3.16 -12.33 -26.73
N SER B 320 -2.51 -12.84 -27.76
CA SER B 320 -2.72 -14.24 -28.18
C SER B 320 -2.49 -15.25 -27.03
N GLY B 321 -1.73 -14.86 -26.01
CA GLY B 321 -1.53 -15.70 -24.83
C GLY B 321 -2.80 -16.01 -24.04
N LEU B 322 -3.87 -15.27 -24.32
CA LEU B 322 -5.16 -15.58 -23.73
C LEU B 322 -5.81 -16.83 -24.34
N LEU B 323 -5.32 -17.27 -25.50
CA LEU B 323 -5.85 -18.48 -26.14
C LEU B 323 -5.45 -19.79 -25.45
N TYR B 324 -4.60 -19.72 -24.42
CA TYR B 324 -4.15 -20.92 -23.72
C TYR B 324 -3.77 -20.66 -22.26
N ASN B 325 -3.78 -21.72 -21.47
CA ASN B 325 -3.33 -21.66 -20.08
C ASN B 325 -1.80 -21.66 -20.02
N SER B 326 -1.23 -20.87 -19.11
CA SER B 326 0.23 -20.83 -18.89
C SER B 326 0.55 -20.99 -17.41
N SER B 327 1.68 -21.64 -17.12
CA SER B 327 2.03 -22.01 -15.74
C SER B 327 2.50 -20.85 -14.88
N CYS B 328 3.41 -20.04 -15.40
CA CYS B 328 4.20 -19.11 -14.58
C CYS B 328 4.27 -17.70 -15.17
N PHE B 329 4.02 -16.70 -14.33
CA PHE B 329 4.02 -15.29 -14.71
C PHE B 329 5.10 -14.56 -13.93
N SER B 330 5.87 -13.72 -14.62
CA SER B 330 7.00 -13.02 -14.01
C SER B 330 7.28 -11.69 -14.71
N GLN B 331 8.21 -10.92 -14.15
CA GLN B 331 8.61 -9.63 -14.74
C GLN B 331 9.02 -9.78 -16.19
N GLN B 332 9.84 -10.81 -16.46
CA GLN B 332 10.40 -11.02 -17.78
C GLN B 332 9.36 -11.49 -18.78
N GLY B 333 8.30 -12.13 -18.32
CA GLY B 333 7.29 -12.68 -19.21
C GLY B 333 6.60 -13.91 -18.64
N VAL B 334 5.86 -14.59 -19.51
CA VAL B 334 5.13 -15.80 -19.16
C VAL B 334 5.89 -17.05 -19.57
N PHE B 335 6.22 -17.91 -18.60
CA PHE B 335 6.77 -19.24 -18.88
C PHE B 335 5.59 -20.21 -19.00
N ARG B 336 5.47 -20.89 -20.13
CA ARG B 336 4.34 -21.78 -20.37
C ARG B 336 4.36 -23.02 -19.49
N TYR B 337 5.54 -23.60 -19.32
CA TYR B 337 5.66 -24.86 -18.60
C TYR B 337 6.31 -24.64 -17.24
N ASP B 338 5.96 -25.50 -16.29
CA ASP B 338 6.34 -25.31 -14.91
C ASP B 338 7.62 -26.03 -14.48
N ASN B 339 8.23 -26.81 -15.39
CA ASN B 339 9.37 -27.67 -15.01
C ASN B 339 10.77 -27.00 -15.06
N ILE B 340 11.28 -26.72 -16.25
CA ILE B 340 12.67 -26.30 -16.43
C ILE B 340 12.76 -25.04 -17.29
N SER B 341 13.81 -24.24 -17.08
CA SER B 341 14.04 -23.04 -17.89
C SER B 341 15.50 -22.59 -17.89
N SER B 342 15.78 -21.55 -18.69
CA SER B 342 17.14 -21.01 -18.84
C SER B 342 17.36 -19.72 -18.05
N VAL B 343 16.28 -19.11 -17.56
CA VAL B 343 16.38 -17.92 -16.70
C VAL B 343 15.60 -18.12 -15.39
N TRP B 344 16.06 -17.45 -14.34
CA TRP B 344 15.36 -17.45 -13.06
C TRP B 344 14.20 -16.45 -13.08
N PRO B 345 12.96 -16.93 -12.84
CA PRO B 345 11.80 -16.02 -12.86
C PRO B 345 11.80 -14.98 -11.73
N LEU B 346 11.58 -13.72 -12.07
CA LEU B 346 11.53 -12.63 -11.09
C LEU B 346 10.09 -12.27 -10.73
N TYR B 347 9.82 -12.18 -9.42
CA TYR B 347 8.48 -11.88 -8.90
C TYR B 347 7.43 -12.79 -9.52
N PRO B 348 7.61 -14.11 -9.37
CA PRO B 348 6.79 -15.08 -10.07
C PRO B 348 5.41 -15.28 -9.46
N TYR B 349 4.45 -15.65 -10.29
CA TYR B 349 3.15 -16.14 -9.86
C TYR B 349 2.83 -17.44 -10.60
N GLY B 350 2.27 -18.41 -9.88
CA GLY B 350 1.92 -19.71 -10.44
C GLY B 350 2.99 -20.75 -10.18
N ARG B 351 2.94 -21.84 -10.92
CA ARG B 351 3.92 -22.91 -10.79
C ARG B 351 5.08 -22.61 -11.72
N CYS B 352 6.25 -22.28 -11.16
CA CYS B 352 7.37 -21.80 -11.95
C CYS B 352 8.51 -22.79 -12.06
N PRO B 353 9.22 -22.78 -13.20
CA PRO B 353 10.34 -23.68 -13.44
C PRO B 353 11.63 -23.19 -12.80
N THR B 354 12.57 -24.11 -12.59
CA THR B 354 13.90 -23.78 -12.11
C THR B 354 14.83 -23.56 -13.30
N ALA B 355 15.83 -22.70 -13.10
CA ALA B 355 16.91 -22.53 -14.07
C ALA B 355 18.19 -23.24 -13.63
N ALA B 356 18.12 -24.00 -12.54
CA ALA B 356 19.28 -24.75 -12.04
C ALA B 356 19.69 -25.82 -13.02
N ASP B 357 20.91 -26.33 -12.86
CA ASP B 357 21.36 -27.50 -13.58
C ASP B 357 20.94 -28.72 -12.77
N ILE B 358 20.17 -29.62 -13.39
CA ILE B 358 19.69 -30.82 -12.71
C ILE B 358 20.87 -31.71 -12.32
C1 NAG C . 24.19 -21.09 31.40
C2 NAG C . 24.28 -22.61 31.29
C3 NAG C . 22.89 -23.20 31.55
C4 NAG C . 22.26 -22.66 32.85
C5 NAG C . 22.46 -21.16 33.03
C6 NAG C . 22.14 -20.74 34.47
C7 NAG C . 26.09 -22.92 29.63
C8 NAG C . 26.44 -23.40 28.26
N2 NAG C . 24.80 -23.03 30.00
O3 NAG C . 23.00 -24.60 31.59
O4 NAG C . 20.86 -22.93 32.93
O5 NAG C . 23.79 -20.77 32.73
O6 NAG C . 21.10 -19.81 34.50
O7 NAG C . 26.96 -22.43 30.35
C1 NAG C . 20.60 -24.25 33.48
C2 NAG C . 19.64 -24.24 34.66
C3 NAG C . 19.74 -25.59 35.34
C4 NAG C . 19.42 -26.71 34.34
C5 NAG C . 19.99 -26.48 32.93
C6 NAG C . 19.20 -27.27 31.89
C7 NAG C . 19.14 -22.04 35.66
C8 NAG C . 19.48 -21.04 36.73
N2 NAG C . 19.85 -23.17 35.64
O3 NAG C . 18.86 -25.66 36.44
O4 NAG C . 19.95 -27.93 34.85
O5 NAG C . 20.00 -25.12 32.54
O6 NAG C . 19.28 -28.65 32.14
O7 NAG C . 18.23 -21.78 34.85
C1 NAG D . 20.03 6.59 15.80
C2 NAG D . 19.90 8.11 15.70
C3 NAG D . 20.33 8.64 14.33
C4 NAG D . 21.69 8.05 13.93
C5 NAG D . 21.63 6.54 14.05
C6 NAG D . 22.94 5.86 13.67
C7 NAG D . 18.21 8.96 17.23
C8 NAG D . 16.77 9.30 17.45
N2 NAG D . 18.55 8.50 16.03
O3 NAG D . 20.35 10.05 14.39
O4 NAG D . 22.07 8.39 12.60
O5 NAG D . 21.31 6.19 15.38
O6 NAG D . 24.03 6.50 14.27
O7 NAG D . 19.00 9.11 18.16
C1 NAG D . 22.86 9.60 12.50
C2 NAG D . 23.89 9.46 11.38
C3 NAG D . 24.65 10.77 11.16
C4 NAG D . 23.65 11.91 10.95
C5 NAG D . 22.71 11.95 12.16
C6 NAG D . 21.70 13.10 12.06
C7 NAG D . 25.96 8.34 12.25
C8 NAG D . 26.68 7.02 12.41
N2 NAG D . 24.76 8.30 11.63
O3 NAG D . 25.57 10.69 10.09
O4 NAG D . 24.34 13.14 10.79
O5 NAG D . 22.02 10.71 12.26
O6 NAG D . 21.18 13.37 13.34
O7 NAG D . 26.50 9.36 12.69
C1 NAG E . 16.92 11.82 20.58
C2 NAG E . 18.41 12.04 20.86
C3 NAG E . 18.99 11.09 21.91
C4 NAG E . 18.08 10.95 23.12
C5 NAG E . 16.65 10.67 22.67
C6 NAG E . 15.70 10.59 23.85
C7 NAG E . 19.43 12.99 18.82
C8 NAG E . 20.26 12.71 17.60
N2 NAG E . 19.19 11.95 19.62
O3 NAG E . 20.24 11.59 22.30
O4 NAG E . 18.52 9.88 23.94
O5 NAG E . 16.18 11.66 21.78
O6 NAG E . 15.73 11.81 24.57
O7 NAG E . 19.01 14.13 19.02
C1 NAG E . 19.33 10.27 25.06
C2 NAG E . 19.50 9.06 25.98
C3 NAG E . 20.41 9.35 27.17
C4 NAG E . 21.73 9.94 26.68
C5 NAG E . 21.50 11.09 25.69
C6 NAG E . 22.81 11.52 25.04
C7 NAG E . 17.74 7.36 26.09
C8 NAG E . 16.41 6.96 26.66
N2 NAG E . 18.22 8.55 26.46
O3 NAG E . 20.67 8.16 27.87
O4 NAG E . 22.48 10.39 27.78
O5 NAG E . 20.61 10.70 24.65
O6 NAG E . 23.23 10.53 24.13
O7 NAG E . 18.33 6.60 25.33
C1 NAG F . 2.56 -19.96 17.42
C2 NAG F . 1.15 -19.42 17.55
C3 NAG F . 0.51 -19.80 18.88
C4 NAG F . 0.64 -21.30 19.12
C5 NAG F . 2.10 -21.70 19.02
C6 NAG F . 2.25 -23.22 19.08
C7 NAG F . 0.53 -17.25 16.57
C8 NAG F . 0.79 -15.77 16.61
N2 NAG F . 1.24 -17.98 17.43
O3 NAG F . -0.84 -19.38 18.83
O4 NAG F . 0.21 -21.65 20.43
O5 NAG F . 2.66 -21.32 17.79
O6 NAG F . 1.64 -23.77 17.94
O7 NAG F . -0.30 -17.71 15.78
C1 NAG F . -1.21 -21.85 20.53
C2 NAG F . -1.54 -22.70 21.75
C3 NAG F . -3.06 -22.93 21.82
C4 NAG F . -3.77 -21.57 21.76
C5 NAG F . -3.27 -20.76 20.57
C6 NAG F . -3.91 -19.37 20.49
C7 NAG F . 0.34 -24.16 22.33
C8 NAG F . 0.95 -25.53 22.20
N2 NAG F . -0.84 -23.97 21.72
O3 NAG F . -3.38 -23.62 23.00
O4 NAG F . -5.18 -21.70 21.67
O5 NAG F . -1.88 -20.63 20.68
O6 NAG F . -3.51 -18.61 21.61
O7 NAG F . 0.93 -23.29 22.95
C1 BMA F . -5.81 -21.79 22.96
C2 BMA F . -7.11 -20.99 22.99
C3 BMA F . -7.77 -21.10 24.36
C4 BMA F . -7.92 -22.59 24.73
C5 BMA F . -6.58 -23.31 24.62
C6 BMA F . -6.66 -24.80 24.92
O2 BMA F . -8.01 -21.49 21.99
O3 BMA F . -9.04 -20.44 24.34
O4 BMA F . -8.46 -22.71 26.05
O5 BMA F . -6.07 -23.14 23.29
O6 BMA F . -5.59 -25.51 24.26
C1 MAN F . -5.39 -26.80 24.87
C2 MAN F . -4.29 -26.67 25.93
C3 MAN F . -2.90 -26.60 25.29
C4 MAN F . -2.69 -27.83 24.42
C5 MAN F . -3.82 -28.06 23.42
C6 MAN F . -3.74 -29.52 22.95
O2 MAN F . -4.37 -27.77 26.81
O3 MAN F . -1.95 -26.56 26.34
O4 MAN F . -1.48 -27.70 23.68
O5 MAN F . -5.13 -27.84 23.94
O6 MAN F . -4.52 -29.74 21.80
C1 MAN F . -0.75 -25.83 26.00
C2 MAN F . 0.48 -26.73 26.16
C3 MAN F . 0.79 -27.05 27.61
C4 MAN F . 0.69 -25.83 28.53
C5 MAN F . -0.48 -24.90 28.19
C6 MAN F . -0.33 -23.56 28.90
O2 MAN F . 1.60 -26.12 25.55
O3 MAN F . 2.10 -27.56 27.70
O4 MAN F . 0.54 -26.29 29.86
O5 MAN F . -0.56 -24.68 26.80
O6 MAN F . -0.82 -23.63 30.22
C1 NAG G . 26.89 -16.40 2.82
C2 NAG G . 28.17 -16.85 3.52
C3 NAG G . 29.03 -15.66 3.93
C4 NAG G . 29.25 -14.70 2.77
C5 NAG G . 27.96 -14.43 2.03
C6 NAG G . 28.18 -13.63 0.74
C7 NAG G . 28.27 -18.95 4.78
C8 NAG G . 27.88 -19.71 6.02
N2 NAG G . 27.85 -17.68 4.68
O3 NAG G . 30.28 -16.14 4.39
O4 NAG G . 29.71 -13.47 3.29
O5 NAG G . 27.28 -15.63 1.70
O6 NAG G . 27.15 -12.68 0.57
O7 NAG G . 28.95 -19.52 3.91
C1 NAG G . 31.14 -13.32 3.31
C2 NAG G . 31.48 -11.84 3.41
C3 NAG G . 32.98 -11.67 3.26
C4 NAG G . 33.65 -12.41 4.40
C5 NAG G . 33.14 -13.86 4.48
C6 NAG G . 33.63 -14.56 5.75
C7 NAG G . 29.58 -10.40 2.87
C8 NAG G . 28.86 -9.56 1.84
N2 NAG G . 30.71 -11.00 2.49
O3 NAG G . 33.34 -10.31 3.30
O4 NAG G . 35.06 -12.38 4.23
O5 NAG G . 31.72 -13.93 4.43
O6 NAG G . 34.04 -15.86 5.40
O7 NAG G . 29.10 -10.51 4.00
C1 NAG H . 20.07 -30.20 -6.07
C2 NAG H . 20.63 -31.53 -6.56
C3 NAG H . 21.35 -32.25 -5.42
C4 NAG H . 22.42 -31.34 -4.82
C5 NAG H . 21.77 -30.02 -4.39
C6 NAG H . 22.76 -29.01 -3.79
C7 NAG H . 19.32 -32.57 -8.36
C8 NAG H . 18.20 -33.52 -8.69
N2 NAG H . 19.59 -32.40 -7.06
O3 NAG H . 21.91 -33.44 -5.91
O4 NAG H . 23.01 -31.94 -3.69
O5 NAG H . 21.09 -29.41 -5.48
O6 NAG H . 24.05 -29.17 -4.33
O7 NAG H . 19.92 -32.01 -9.27
C1 NAG H . 24.17 -32.75 -3.99
C2 NAG H . 25.01 -32.83 -2.71
C3 NAG H . 26.05 -33.96 -2.73
C4 NAG H . 25.55 -35.21 -3.43
C5 NAG H . 24.88 -34.86 -4.75
C6 NAG H . 24.37 -36.10 -5.47
C7 NAG H . 25.27 -30.63 -1.68
C8 NAG H . 26.11 -29.38 -1.61
N2 NAG H . 25.69 -31.57 -2.51
O3 NAG H . 26.41 -34.31 -1.40
O4 NAG H . 26.64 -36.07 -3.63
O5 NAG H . 23.79 -34.02 -4.47
O6 NAG H . 25.38 -36.63 -6.31
O7 NAG H . 24.27 -30.73 -0.97
C1 NAG I . -22.76 -1.92 -13.58
C2 NAG I . -23.52 -1.41 -12.39
C3 NAG I . -23.21 -2.29 -11.19
C4 NAG I . -23.41 -3.79 -11.48
C5 NAG I . -22.93 -4.17 -12.88
C6 NAG I . -23.51 -5.53 -13.32
C7 NAG I . -23.79 1.03 -12.50
C8 NAG I . -23.22 2.36 -12.12
N2 NAG I . -23.10 -0.04 -12.11
O3 NAG I . -24.02 -1.87 -10.13
O4 NAG I . -22.60 -4.53 -10.58
O5 NAG I . -23.27 -3.20 -13.84
O6 NAG I . -24.90 -5.41 -13.58
O7 NAG I . -24.85 0.99 -13.12
C1 NAG I . -23.22 -4.87 -9.33
C2 NAG I . -22.43 -6.02 -8.70
C3 NAG I . -23.00 -6.42 -7.35
C4 NAG I . -23.16 -5.20 -6.44
C5 NAG I . -23.83 -4.06 -7.20
C6 NAG I . -23.83 -2.76 -6.39
C7 NAG I . -21.35 -7.40 -10.41
C8 NAG I . -21.45 -8.61 -11.30
N2 NAG I . -22.38 -7.16 -9.60
O3 NAG I . -22.14 -7.37 -6.77
O4 NAG I . -23.94 -5.52 -5.29
O5 NAG I . -23.19 -3.80 -8.43
O6 NAG I . -24.60 -1.83 -7.12
O7 NAG I . -20.35 -6.68 -10.47
C1 BMA I . -23.13 -5.75 -4.11
C2 BMA I . -23.99 -5.75 -2.85
C3 BMA I . -23.10 -5.94 -1.63
C4 BMA I . -22.29 -7.22 -1.76
C5 BMA I . -21.53 -7.23 -3.09
C6 BMA I . -20.87 -8.59 -3.33
O2 BMA I . -24.97 -6.80 -2.90
O3 BMA I . -23.90 -5.98 -0.44
O4 BMA I . -21.36 -7.34 -0.67
O5 BMA I . -22.40 -6.98 -4.19
O6 BMA I . -21.90 -9.56 -3.45
C1 MAN I . -21.35 -10.84 -3.85
C2 MAN I . -22.49 -11.83 -3.98
C3 MAN I . -23.12 -12.12 -2.62
C4 MAN I . -22.03 -12.54 -1.62
C5 MAN I . -20.88 -11.53 -1.62
C6 MAN I . -19.72 -11.93 -0.71
O2 MAN I . -21.98 -13.02 -4.54
O3 MAN I . -24.12 -13.10 -2.74
O4 MAN I . -22.61 -12.58 -0.33
O5 MAN I . -20.39 -11.35 -2.95
O6 MAN I . -18.84 -12.82 -1.38
C1 MAN I . -17.88 -13.39 -0.46
C2 MAN I . -16.59 -13.70 -1.21
C3 MAN I . -16.79 -14.84 -2.22
C4 MAN I . -17.51 -16.04 -1.60
C5 MAN I . -18.69 -15.64 -0.71
C6 MAN I . -19.15 -16.83 0.12
O2 MAN I . -15.56 -14.02 -0.30
O3 MAN I . -15.56 -15.25 -2.77
O4 MAN I . -18.00 -16.85 -2.65
O5 MAN I . -18.33 -14.58 0.17
O6 MAN I . -20.55 -16.77 0.28
C1 MAN I . -24.20 -4.67 0.09
C2 MAN I . -23.84 -4.66 1.58
C3 MAN I . -24.90 -5.35 2.45
C4 MAN I . -26.34 -5.39 1.89
C5 MAN I . -26.48 -5.22 0.38
C6 MAN I . -27.88 -4.77 0.02
O2 MAN I . -23.55 -3.35 2.05
O3 MAN I . -24.91 -4.71 3.71
O4 MAN I . -26.91 -6.64 2.23
O5 MAN I . -25.55 -4.28 -0.12
O6 MAN I . -28.35 -5.50 -1.10
C1 NAG J . -25.42 5.49 -12.81
C2 NAG J . -26.65 4.67 -13.19
C3 NAG J . -26.75 4.51 -14.70
C4 NAG J . -26.65 5.86 -15.41
C5 NAG J . -25.51 6.72 -14.85
C6 NAG J . -25.61 8.16 -15.34
C7 NAG J . -27.44 3.04 -11.51
C8 NAG J . -27.34 1.62 -11.02
N2 NAG J . -26.68 3.36 -12.57
O3 NAG J . -27.98 3.90 -15.04
O4 NAG J . -26.46 5.60 -16.80
O5 NAG J . -25.50 6.74 -13.44
O6 NAG J . -24.83 8.31 -16.50
O7 NAG J . -28.17 3.85 -10.93
C1 NAG J . -27.50 6.19 -17.61
C2 NAG J . -27.11 6.02 -19.07
C3 NAG J . -28.23 6.47 -20.03
C4 NAG J . -29.57 5.91 -19.59
C5 NAG J . -29.81 6.23 -18.12
C6 NAG J . -31.15 5.73 -17.61
C7 NAG J . -24.75 6.24 -19.74
C8 NAG J . -23.63 7.21 -20.04
N2 NAG J . -25.91 6.79 -19.39
O3 NAG J . -27.91 6.04 -21.33
O4 NAG J . -30.60 6.45 -20.41
O5 NAG J . -28.78 5.63 -17.37
O6 NAG J . -31.21 4.32 -17.74
O7 NAG J . -24.54 5.02 -19.85
C1 NAG K . -29.49 17.79 4.85
C2 NAG K . -28.41 17.45 5.87
C3 NAG K . -28.70 16.15 6.63
C4 NAG K . -30.14 16.07 7.13
C5 NAG K . -31.11 16.57 6.08
C6 NAG K . -32.51 16.75 6.65
C7 NAG K . -26.18 18.34 5.35
C8 NAG K . -24.87 18.11 4.66
N2 NAG K . -27.09 17.36 5.25
O3 NAG K . -27.81 16.12 7.72
O4 NAG K . -30.51 14.74 7.38
O5 NAG K . -30.71 17.80 5.54
O6 NAG K . -33.43 15.97 5.92
O7 NAG K . -26.38 19.39 5.97
C1 NAG K . -29.87 14.08 8.47
C2 NAG K . -30.94 13.50 9.38
C3 NAG K . -30.32 12.68 10.52
C4 NAG K . -29.29 11.69 9.97
C5 NAG K . -28.29 12.45 9.08
C6 NAG K . -27.21 11.55 8.51
C7 NAG K . -33.09 14.62 9.73
C8 NAG K . -33.81 15.80 10.31
N2 NAG K . -31.75 14.58 9.90
O3 NAG K . -31.33 11.97 11.19
O4 NAG K . -28.64 11.02 11.04
O5 NAG K . -29.01 13.06 8.02
O6 NAG K . -27.82 10.54 7.75
O7 NAG K . -33.71 13.74 9.15
C1 BMA K . -28.71 9.57 10.97
C2 BMA K . -27.39 8.96 11.46
C3 BMA K . -27.43 7.43 11.40
C4 BMA K . -28.68 6.88 12.08
C5 BMA K . -29.95 7.62 11.64
C6 BMA K . -31.18 7.16 12.45
O2 BMA K . -27.10 9.37 12.80
O3 BMA K . -26.26 6.87 12.02
O4 BMA K . -28.79 5.50 11.75
O5 BMA K . -29.79 9.04 11.75
O6 BMA K . -31.58 8.15 13.40
C1 NAG L . 6.64 0.46 -25.61
C2 NAG L . 7.17 1.72 -24.95
C3 NAG L . 7.50 2.82 -25.95
C4 NAG L . 8.41 2.26 -27.05
C5 NAG L . 7.90 0.94 -27.61
C6 NAG L . 8.97 0.27 -28.44
C7 NAG L . 6.50 2.35 -22.68
C8 NAG L . 5.39 2.85 -21.80
N2 NAG L . 6.20 2.20 -23.97
O3 NAG L . 8.13 3.87 -25.25
O4 NAG L . 8.51 3.16 -28.13
O5 NAG L . 7.55 0.03 -26.59
O6 NAG L . 9.71 -0.63 -27.66
O7 NAG L . 7.60 2.10 -22.21
C1 NAG L . 9.55 4.13 -27.95
C2 NAG L . 10.05 4.57 -29.31
C3 NAG L . 11.20 5.55 -29.13
C4 NAG L . 10.81 6.71 -28.20
C5 NAG L . 10.07 6.23 -26.95
C6 NAG L . 9.41 7.41 -26.24
C7 NAG L . 9.70 2.76 -30.93
C8 NAG L . 10.32 1.61 -31.67
N2 NAG L . 10.51 3.43 -30.10
O3 NAG L . 11.60 6.05 -30.39
O4 NAG L . 11.98 7.36 -27.76
O5 NAG L . 9.08 5.26 -27.26
O6 NAG L . 8.25 7.83 -26.93
O7 NAG L . 8.51 3.03 -31.10
C1 BMA L . 12.48 8.35 -28.68
C2 BMA L . 12.88 9.55 -27.82
C3 BMA L . 13.89 10.51 -28.48
C4 BMA L . 14.87 9.80 -29.41
C5 BMA L . 14.14 8.82 -30.32
C6 BMA L . 15.08 8.15 -31.33
O2 BMA L . 13.40 9.06 -26.58
O3 BMA L . 14.66 11.22 -27.48
O4 BMA L . 15.60 10.75 -30.19
O5 BMA L . 13.55 7.83 -29.49
O6 BMA L . 14.36 7.25 -32.17
C1 MAN L . 13.88 12.02 -26.58
C2 MAN L . 13.73 13.45 -27.13
C3 MAN L . 14.88 14.41 -26.80
C4 MAN L . 15.52 14.14 -25.43
C5 MAN L . 15.69 12.64 -25.18
C6 MAN L . 16.26 12.39 -23.79
O2 MAN L . 12.50 13.99 -26.68
O3 MAN L . 14.43 15.73 -26.83
O4 MAN L . 16.78 14.77 -25.39
O5 MAN L . 14.42 12.03 -25.27
O6 MAN L . 17.60 12.83 -23.73
C1 NAG M . -5.08 9.93 33.37
C2 NAG M . -5.84 10.49 34.59
C3 NAG M . -5.37 11.90 34.92
C4 NAG M . -3.85 12.00 34.98
C5 NAG M . -3.18 11.29 33.79
C6 NAG M . -1.66 11.19 34.00
C7 NAG M . -8.17 10.31 35.36
C8 NAG M . -9.62 10.26 34.94
N2 NAG M . -7.28 10.43 34.36
O3 NAG M . -5.89 12.31 36.18
O4 NAG M . -3.47 13.36 34.98
O5 NAG M . -3.69 9.98 33.61
O6 NAG M . -1.13 10.10 33.29
O7 NAG M . -7.88 10.24 36.55
C1 NAG N . 6.13 29.77 17.29
C2 NAG N . 5.58 29.43 15.91
C3 NAG N . 6.72 29.46 14.88
C4 NAG N . 7.35 30.86 14.91
C5 NAG N . 7.82 31.16 16.33
C6 NAG N . 8.42 32.56 16.42
C7 NAG N . 3.52 28.11 15.66
C8 NAG N . 2.87 26.76 15.63
N2 NAG N . 4.84 28.17 15.86
O3 NAG N . 6.23 29.17 13.59
O4 NAG N . 8.42 30.94 14.00
O5 NAG N . 6.75 31.05 17.24
O6 NAG N . 8.81 32.81 17.75
O7 NAG N . 2.81 29.11 15.50
C1 NAG O . -15.44 16.90 14.28
C2 NAG O . -16.86 17.33 13.92
C3 NAG O . -17.10 18.81 14.24
C4 NAG O . -16.50 19.25 15.58
C5 NAG O . -15.12 18.66 15.84
C6 NAG O . -14.67 18.93 17.28
C7 NAG O . -18.16 17.35 11.83
C8 NAG O . -18.17 16.99 10.37
N2 NAG O . -17.05 17.05 12.51
O3 NAG O . -18.48 19.11 14.29
O4 NAG O . -16.42 20.66 15.58
O5 NAG O . -15.15 17.26 15.62
O6 NAG O . -13.33 19.38 17.33
O7 NAG O . -19.15 17.90 12.31
C1 NAG P . -5.43 -13.40 15.90
C2 NAG P . -5.88 -14.22 14.68
C3 NAG P . -7.38 -14.09 14.43
C4 NAG P . -8.15 -14.31 15.74
C5 NAG P . -7.62 -13.40 16.84
C6 NAG P . -8.31 -13.65 18.17
C7 NAG P . -3.96 -14.46 13.18
C8 NAG P . -3.23 -13.98 11.96
N2 NAG P . -5.11 -13.85 13.50
O3 NAG P . -7.79 -15.06 13.51
O4 NAG P . -9.52 -14.10 15.52
O5 NAG P . -6.24 -13.65 17.02
O6 NAG P . -9.69 -13.40 18.04
O7 NAG P . -3.48 -15.37 13.83
C ACY Q . 13.29 -9.78 26.20
O ACY Q . 13.82 -8.77 25.66
OXT ACY Q . 13.41 -10.00 27.42
CH3 ACY Q . 12.51 -10.76 25.38
C1 NAG R . -10.73 -8.42 -43.04
C2 NAG R . -10.87 -9.38 -44.22
C3 NAG R . -9.58 -10.13 -44.57
C4 NAG R . -8.38 -9.18 -44.60
C5 NAG R . -8.34 -8.35 -43.33
C6 NAG R . -7.18 -7.35 -43.35
C7 NAG R . -13.13 -10.30 -44.73
C8 NAG R . -14.15 -11.34 -44.41
N2 NAG R . -11.98 -10.33 -44.02
O3 NAG R . -9.69 -10.76 -45.84
O4 NAG R . -7.16 -9.88 -44.76
O5 NAG R . -9.55 -7.64 -43.19
O6 NAG R . -7.22 -6.55 -44.52
O7 NAG R . -13.38 -9.48 -45.61
C1 NAG S . -12.99 29.21 -15.30
C2 NAG S . -12.94 30.64 -14.74
C3 NAG S . -14.30 31.35 -14.73
C4 NAG S . -15.09 31.09 -16.00
C5 NAG S . -15.18 29.59 -16.22
C6 NAG S . -16.02 29.22 -17.44
C7 NAG S . -11.90 31.77 -12.80
C8 NAG S . -11.38 31.62 -11.40
N2 NAG S . -12.37 30.67 -13.39
O3 NAG S . -14.15 32.76 -14.56
O4 NAG S . -16.38 31.68 -15.91
O5 NAG S . -13.87 29.12 -16.42
O6 NAG S . -15.84 27.86 -17.75
O7 NAG S . -11.88 32.88 -13.32
C1 NAG T . -6.94 25.23 4.19
C2 NAG T . -6.73 25.23 5.71
C3 NAG T . -7.82 25.96 6.49
C4 NAG T . -8.11 27.32 5.86
C5 NAG T . -8.54 27.06 4.42
C6 NAG T . -8.92 28.38 3.74
C7 NAG T . -5.71 23.49 7.11
C8 NAG T . -5.72 22.05 7.54
N2 NAG T . -6.63 23.86 6.21
O3 NAG T . -7.44 26.13 7.84
O4 NAG T . -9.11 28.00 6.58
O5 NAG T . -7.50 26.43 3.69
O6 NAG T . -9.20 28.14 2.39
O7 NAG T . -4.87 24.25 7.59
C1 NAG U . 7.79 7.98 -17.98
C2 NAG U . 8.96 7.17 -17.40
C3 NAG U . 9.79 8.08 -16.50
C4 NAG U . 10.34 9.19 -17.35
C5 NAG U . 9.18 9.99 -17.97
C6 NAG U . 9.73 11.01 -18.96
C7 NAG U . 8.41 4.77 -17.22
C8 NAG U . 7.99 3.66 -16.31
N2 NAG U . 8.54 5.98 -16.67
O3 NAG U . 10.84 7.36 -15.90
O4 NAG U . 11.17 10.02 -16.57
O5 NAG U . 8.27 9.13 -18.66
O6 NAG U . 8.69 11.78 -19.47
O7 NAG U . 8.63 4.52 -18.42
C1 NAG V . -7.54 -23.93 -18.71
C2 NAG V . -8.14 -24.34 -20.05
C3 NAG V . -9.64 -24.62 -19.97
C4 NAG V . -9.93 -25.61 -18.86
C5 NAG V . -9.35 -25.02 -17.57
C6 NAG V . -9.62 -25.92 -16.37
C7 NAG V . -7.48 -23.51 -22.25
C8 NAG V . -7.40 -22.27 -23.10
N2 NAG V . -7.97 -23.30 -21.04
O3 NAG V . -10.10 -25.13 -21.19
O4 NAG V . -11.32 -25.83 -18.76
O5 NAG V . -7.95 -24.84 -17.70
O6 NAG V . -9.11 -25.29 -15.22
O7 NAG V . -7.10 -24.59 -22.67
C1 NAG W . 8.18 -30.07 -19.27
C2 NAG W . 9.07 -30.15 -20.52
C3 NAG W . 8.27 -30.56 -21.77
C4 NAG W . 6.78 -30.25 -21.67
C5 NAG W . 6.18 -30.80 -20.37
C6 NAG W . 5.34 -32.05 -20.63
C7 NAG W . 10.91 -28.80 -21.43
C8 NAG W . 11.49 -27.43 -21.59
N2 NAG W . 9.76 -28.88 -20.76
O3 NAG W . 8.39 -31.96 -21.98
O4 NAG W . 6.59 -28.85 -21.71
O5 NAG W . 7.21 -31.09 -19.43
O6 NAG W . 4.04 -31.85 -20.09
O7 NAG W . 11.51 -29.78 -21.87
C ACY X . -10.13 2.58 -28.99
O ACY X . -10.42 2.99 -30.14
OXT ACY X . -11.01 2.20 -28.18
CH3 ACY X . -8.68 2.53 -28.60
#